data_9NGJ
#
_entry.id   9NGJ
#
_cell.length_a   1.00
_cell.length_b   1.00
_cell.length_c   1.00
_cell.angle_alpha   90.00
_cell.angle_beta   90.00
_cell.angle_gamma   90.00
#
_symmetry.space_group_name_H-M   'P 1'
#
loop_
_entity.id
_entity.type
_entity.pdbx_description
1 polymer 'ATP-binding cassette sub-family D member 3'
2 non-polymer 'S-{(3R,5S,9S)-1-[(2R,3S,4R,5R)-5-(6-amino-9H-purin-9-yl)-4-hydroxy-3-(phosphonooxy)oxolan-2-yl]-3,5,9-trihydroxy-8,8-dimethyl-3,5,10,14-tetraoxo-2,4,6-trioxa-11,15-diaza-3lambda~5~,5lambda~5~-diphosphaheptadecan-17-yl} (3S,7R,11R)-3,7,11,15-tetramethylhexadecanethioate (non-preferred name)'
#
_entity_poly.entity_id   1
_entity_poly.type   'polypeptide(L)'
_entity_poly.pdbx_seq_one_letter_code
;MAAFSKYLTARNSSLAGAAFLLLCLLHKRRRALGLHGKKSGKPPLQNNEKEGKKERAVVDKVFFSRLIQILKIMVPRTFC
KETGYLVLIAVMLVSRTYCDVWMIQNGTLIESGIIGRSRKDFKRYLLNFIAAMPLISLVNNFLKYGLNELKLCFRVRLTK
YLYEEYLQAFTYYKMGNLDNRIANPDQLLTQDVEKFCNSVVDLYSNLSKPFLDIVLYIFKLTSAIGAQGPASMMAYLVVS
GLFLTRLRRPIGKMTITEQKYEGEYRYVNSRLITNSEEIAFYNGNKREKQTVHSVFRKLVEHLHNFILFRFSMGFIDSII
AKYLATVVGYLVVSRPFLDLSHPRHLKSTHSELLEDYYQSGRMLLRMSQALGRIVLAGREMTRLAGFTARITELMQVLKD
LNHGKYERTMVSQQEKGIEGVQVIPLIPGAGEIIIADNIIKFDHVPLATPNGDVLIRDLNFEVRSGANVLICGPNGCGKS
SLFRVLGELWPLFGGRLTKPERGKLFYVPQRPYMTLGTLRDQVIYPDGREDQKRKGISDLVLKEYLDNVQLGHILEREGG
WDSVQDWMDVLSGGEKQRMAMARLFYHKPQFAILDECTSAVSVDVEGYIYSHCRKVGITLFTVSHRKSLWKHHEYYLHMD
GRGNYEFKQITEDTVEFGSGSGLVPRGSGGGGSGGGGSGGHHHHHHHH
;
_entity_poly.pdbx_strand_id   B,A
#
loop_
_chem_comp.id
_chem_comp.type
_chem_comp.name
_chem_comp.formula
A1CAN non-polymer 'S-{(3R,5S,9S)-1-[(2R,3S,4R,5R)-5-(6-amino-9H-purin-9-yl)-4-hydroxy-3-(phosphonooxy)oxolan-2-yl]-3,5,9-trihydroxy-8,8-dimethyl-3,5,10,14-tetraoxo-2,4,6-trioxa-11,15-diaza-3lambda~5~,5lambda~5~-diphosphaheptadecan-17-yl} (3S,7R,11R)-3,7,11,15-tetramethylhexadecanethioate (non-preferred name)' 'C41 H74 N7 O17 P3 S'
#
# COMPACT_ATOMS: atom_id res chain seq x y z
N ALA A 57 12.18 -9.39 14.96
CA ALA A 57 13.24 -9.53 13.95
C ALA A 57 14.60 -9.27 14.57
N VAL A 58 15.08 -10.23 15.37
CA VAL A 58 16.38 -10.14 16.03
C VAL A 58 17.14 -11.42 15.78
N VAL A 59 18.43 -11.29 15.47
CA VAL A 59 19.27 -12.43 15.11
C VAL A 59 19.76 -13.10 16.39
N ASP A 60 19.46 -14.39 16.54
CA ASP A 60 19.92 -15.18 17.66
C ASP A 60 20.27 -16.58 17.14
N LYS A 61 20.44 -17.52 18.06
CA LYS A 61 20.61 -18.92 17.63
C LYS A 61 19.30 -19.53 17.16
N VAL A 62 18.17 -19.10 17.72
CA VAL A 62 16.88 -19.60 17.24
C VAL A 62 16.66 -19.20 15.79
N PHE A 63 17.00 -17.96 15.45
CA PHE A 63 16.87 -17.52 14.06
C PHE A 63 17.64 -18.45 13.13
N PHE A 64 18.90 -18.72 13.44
CA PHE A 64 19.71 -19.60 12.59
C PHE A 64 19.14 -21.01 12.55
N SER A 65 18.69 -21.53 13.70
CA SER A 65 18.10 -22.86 13.71
C SER A 65 16.87 -22.92 12.81
N ARG A 66 16.01 -21.90 12.90
CA ARG A 66 14.82 -21.87 12.07
C ARG A 66 15.17 -21.81 10.59
N LEU A 67 16.21 -21.06 10.22
CA LEU A 67 16.67 -21.07 8.84
C LEU A 67 17.10 -22.47 8.43
N ILE A 68 17.80 -23.18 9.32
CA ILE A 68 18.29 -24.51 9.00
C ILE A 68 17.13 -25.44 8.66
N GLN A 69 16.07 -25.41 9.47
CA GLN A 69 14.90 -26.24 9.17
C GLN A 69 14.29 -25.85 7.83
N ILE A 70 14.00 -24.56 7.64
CA ILE A 70 13.34 -24.14 6.41
C ILE A 70 14.18 -24.52 5.19
N LEU A 71 15.50 -24.30 5.27
CA LEU A 71 16.36 -24.66 4.16
C LEU A 71 16.41 -26.17 3.95
N LYS A 72 16.27 -26.95 5.02
CA LYS A 72 16.22 -28.40 4.86
C LYS A 72 15.00 -28.81 4.04
N ILE A 73 13.85 -28.16 4.28
CA ILE A 73 12.70 -28.36 3.41
C ILE A 73 13.01 -27.91 1.98
N MET A 74 13.78 -26.84 1.83
CA MET A 74 14.08 -26.31 0.51
C MET A 74 15.22 -27.03 -0.20
N VAL A 75 15.99 -27.84 0.52
CA VAL A 75 17.05 -28.65 -0.09
C VAL A 75 16.87 -30.09 0.37
N PRO A 76 15.94 -30.85 -0.22
CA PRO A 76 15.64 -32.17 0.34
C PRO A 76 16.77 -33.17 0.17
N ARG A 77 17.44 -33.18 -0.97
CA ARG A 77 18.43 -34.20 -1.29
C ARG A 77 19.80 -33.56 -1.47
N THR A 78 20.77 -34.37 -1.90
CA THR A 78 22.10 -33.91 -2.24
C THR A 78 22.36 -33.97 -3.75
N PHE A 79 21.46 -34.57 -4.52
CA PHE A 79 21.62 -34.70 -5.97
C PHE A 79 20.41 -34.13 -6.71
N CYS A 80 19.81 -33.08 -6.16
CA CYS A 80 18.66 -32.44 -6.79
C CYS A 80 19.15 -31.37 -7.76
N LYS A 81 18.24 -30.54 -8.25
CA LYS A 81 18.63 -29.42 -9.11
C LYS A 81 19.04 -28.18 -8.31
N GLU A 82 18.59 -28.06 -7.06
CA GLU A 82 19.01 -26.93 -6.25
C GLU A 82 20.50 -26.99 -5.94
N THR A 83 21.03 -28.19 -5.68
CA THR A 83 22.47 -28.32 -5.47
C THR A 83 23.23 -28.06 -6.76
N GLY A 84 22.64 -28.41 -7.91
CA GLY A 84 23.28 -28.08 -9.18
C GLY A 84 23.41 -26.59 -9.39
N TYR A 85 22.36 -25.84 -9.07
CA TYR A 85 22.42 -24.39 -9.20
C TYR A 85 23.37 -23.79 -8.17
N LEU A 86 23.45 -24.39 -6.99
CA LEU A 86 24.34 -23.86 -5.96
C LEU A 86 25.80 -23.98 -6.36
N VAL A 87 26.21 -25.13 -6.90
CA VAL A 87 27.58 -25.28 -7.36
C VAL A 87 27.83 -24.41 -8.58
N LEU A 88 26.83 -24.29 -9.45
CA LEU A 88 26.95 -23.39 -10.59
C LEU A 88 27.19 -21.96 -10.13
N ILE A 89 26.47 -21.52 -9.11
CA ILE A 89 26.65 -20.16 -8.60
C ILE A 89 28.02 -20.00 -7.99
N ALA A 90 28.47 -20.98 -7.21
CA ALA A 90 29.78 -20.88 -6.56
C ALA A 90 30.90 -20.80 -7.59
N VAL A 91 30.81 -21.61 -8.64
CA VAL A 91 31.83 -21.58 -9.69
C VAL A 91 31.84 -20.23 -10.39
N MET A 92 30.65 -19.68 -10.67
CA MET A 92 30.57 -18.39 -11.36
C MET A 92 30.98 -17.24 -10.46
N LEU A 93 30.80 -17.38 -9.14
CA LEU A 93 31.30 -16.36 -8.22
C LEU A 93 32.82 -16.27 -8.27
N VAL A 94 33.49 -17.43 -8.29
CA VAL A 94 34.95 -17.44 -8.38
C VAL A 94 35.40 -16.92 -9.73
N SER A 95 34.75 -17.35 -10.80
CA SER A 95 35.13 -16.88 -12.13
C SER A 95 34.92 -15.38 -12.25
N ARG A 96 33.82 -14.87 -11.69
CA ARG A 96 33.55 -13.44 -11.77
C ARG A 96 34.63 -12.64 -11.05
N THR A 97 35.10 -13.14 -9.91
CA THR A 97 36.18 -12.46 -9.20
C THR A 97 37.46 -12.44 -10.03
N TYR A 98 37.80 -13.58 -10.64
CA TYR A 98 39.01 -13.62 -11.47
C TYR A 98 38.89 -12.70 -12.67
N CYS A 99 37.72 -12.66 -13.29
CA CYS A 99 37.53 -11.78 -14.45
C CYS A 99 37.71 -10.33 -14.07
N ASP A 100 37.23 -9.93 -12.89
CA ASP A 100 37.36 -8.55 -12.46
C ASP A 100 38.82 -8.16 -12.25
N VAL A 101 39.61 -9.04 -11.64
CA VAL A 101 41.01 -8.74 -11.41
C VAL A 101 41.79 -8.74 -12.72
N TRP A 102 41.40 -9.61 -13.66
CA TRP A 102 42.06 -9.61 -14.97
C TRP A 102 41.79 -8.31 -15.72
N MET A 103 40.56 -7.80 -15.64
CA MET A 103 40.26 -6.50 -16.25
C MET A 103 41.08 -5.39 -15.63
N ILE A 104 41.28 -5.45 -14.31
CA ILE A 104 42.11 -4.45 -13.64
C ILE A 104 43.53 -4.51 -14.19
N GLN A 105 44.06 -5.73 -14.36
CA GLN A 105 45.42 -5.90 -14.85
C GLN A 105 45.56 -5.49 -16.31
N ASN A 106 44.53 -5.75 -17.13
CA ASN A 106 44.62 -5.47 -18.55
C ASN A 106 44.37 -4.00 -18.87
N GLY A 107 43.50 -3.34 -18.11
CA GLY A 107 43.21 -1.95 -18.37
C GLY A 107 44.45 -1.07 -18.28
N THR A 108 45.28 -1.32 -17.26
CA THR A 108 46.49 -0.53 -17.09
C THR A 108 47.50 -0.79 -18.21
N LEU A 109 47.47 -1.99 -18.80
CA LEU A 109 48.37 -2.27 -19.91
C LEU A 109 47.90 -1.59 -21.19
N ILE A 110 46.59 -1.49 -21.41
CA ILE A 110 46.10 -0.72 -22.54
C ILE A 110 46.48 0.74 -22.39
N GLU A 111 46.32 1.29 -21.18
CA GLU A 111 46.58 2.70 -20.95
C GLU A 111 48.06 3.02 -21.00
N SER A 112 48.92 2.10 -20.57
CA SER A 112 50.35 2.30 -20.73
C SER A 112 50.75 2.25 -22.19
N GLY A 113 50.06 1.44 -23.00
CA GLY A 113 50.31 1.45 -24.42
C GLY A 113 49.92 2.78 -25.06
N ILE A 114 48.77 3.33 -24.66
CA ILE A 114 48.34 4.61 -25.20
C ILE A 114 49.31 5.70 -24.77
N ILE A 115 49.66 5.73 -23.48
CA ILE A 115 50.51 6.78 -22.96
C ILE A 115 51.92 6.68 -23.55
N GLY A 116 52.40 5.46 -23.77
CA GLY A 116 53.69 5.25 -24.38
C GLY A 116 53.75 5.56 -25.85
N ARG A 117 52.64 5.96 -26.46
CA ARG A 117 52.58 6.25 -27.89
C ARG A 117 53.03 5.05 -28.72
N SER A 118 52.70 3.85 -28.23
CA SER A 118 53.04 2.60 -28.89
C SER A 118 51.77 1.98 -29.44
N ARG A 119 51.65 1.94 -30.76
CA ARG A 119 50.49 1.30 -31.38
C ARG A 119 50.54 -0.21 -31.23
N LYS A 120 51.73 -0.78 -31.12
CA LYS A 120 51.85 -2.23 -30.99
C LYS A 120 51.25 -2.72 -29.67
N ASP A 121 51.64 -2.10 -28.55
CA ASP A 121 51.12 -2.52 -27.26
C ASP A 121 49.64 -2.18 -27.12
N PHE A 122 49.23 -1.01 -27.62
CA PHE A 122 47.81 -0.64 -27.55
C PHE A 122 46.96 -1.68 -28.27
N LYS A 123 47.31 -1.99 -29.52
CA LYS A 123 46.52 -2.95 -30.29
C LYS A 123 46.58 -4.34 -29.66
N ARG A 124 47.75 -4.75 -29.17
CA ARG A 124 47.88 -6.07 -28.59
C ARG A 124 46.92 -6.25 -27.42
N TYR A 125 46.93 -5.31 -26.47
CA TYR A 125 46.12 -5.46 -25.26
C TYR A 125 44.66 -5.09 -25.50
N LEU A 126 44.38 -4.20 -26.44
CA LEU A 126 42.98 -3.93 -26.81
C LEU A 126 42.34 -5.19 -27.40
N LEU A 127 43.08 -5.91 -28.25
CA LEU A 127 42.54 -7.12 -28.84
C LEU A 127 42.42 -8.24 -27.80
N ASN A 128 43.30 -8.26 -26.79
CA ASN A 128 43.13 -9.19 -25.69
C ASN A 128 41.84 -8.91 -24.95
N PHE A 129 41.52 -7.64 -24.73
CA PHE A 129 40.27 -7.27 -24.08
C PHE A 129 39.07 -7.63 -24.93
N ILE A 130 39.15 -7.38 -26.24
CA ILE A 130 38.02 -7.70 -27.12
C ILE A 130 37.81 -9.21 -27.19
N ALA A 131 38.89 -9.98 -27.30
CA ALA A 131 38.76 -11.43 -27.41
C ALA A 131 38.22 -12.04 -26.13
N ALA A 132 38.52 -11.44 -24.98
CA ALA A 132 38.00 -11.90 -23.70
C ALA A 132 36.68 -11.24 -23.33
N MET A 133 36.14 -10.37 -24.19
CA MET A 133 34.90 -9.68 -23.87
C MET A 133 33.73 -10.64 -23.72
N PRO A 134 33.47 -11.56 -24.66
CA PRO A 134 32.31 -12.45 -24.50
C PRO A 134 32.37 -13.33 -23.27
N LEU A 135 33.56 -13.78 -22.87
CA LEU A 135 33.66 -14.68 -21.71
C LEU A 135 33.21 -14.00 -20.44
N ILE A 136 33.54 -12.71 -20.29
CA ILE A 136 33.15 -11.99 -19.08
C ILE A 136 31.63 -11.85 -19.00
N SER A 137 30.99 -11.58 -20.14
CA SER A 137 29.53 -11.47 -20.15
C SER A 137 28.87 -12.79 -19.77
N LEU A 138 29.39 -13.90 -20.28
CA LEU A 138 28.88 -15.21 -19.89
C LEU A 138 29.04 -15.43 -18.39
N VAL A 139 30.22 -15.11 -17.86
CA VAL A 139 30.51 -15.37 -16.46
C VAL A 139 29.61 -14.55 -15.56
N ASN A 140 29.28 -13.32 -15.96
CA ASN A 140 28.44 -12.47 -15.13
C ASN A 140 26.96 -12.81 -15.27
N ASN A 141 26.51 -13.01 -16.51
CA ASN A 141 25.10 -13.28 -16.75
C ASN A 141 24.71 -14.71 -16.39
N PHE A 142 25.62 -15.66 -16.54
CA PHE A 142 25.34 -17.02 -16.08
C PHE A 142 25.21 -17.06 -14.55
N LEU A 143 25.93 -16.18 -13.86
CA LEU A 143 25.75 -16.04 -12.42
C LEU A 143 24.35 -15.51 -12.11
N LYS A 144 23.93 -14.45 -12.80
CA LYS A 144 22.60 -13.89 -12.57
C LYS A 144 21.51 -14.90 -12.88
N TYR A 145 21.65 -15.63 -13.98
CA TYR A 145 20.67 -16.65 -14.33
C TYR A 145 20.60 -17.73 -13.26
N GLY A 146 21.76 -18.16 -12.76
CA GLY A 146 21.77 -19.16 -11.71
C GLY A 146 21.08 -18.68 -10.44
N LEU A 147 21.31 -17.42 -10.07
CA LEU A 147 20.67 -16.88 -8.87
C LEU A 147 19.16 -16.81 -9.04
N ASN A 148 18.69 -16.35 -10.20
CA ASN A 148 17.25 -16.26 -10.44
C ASN A 148 16.60 -17.64 -10.39
N GLU A 149 17.24 -18.65 -10.99
CA GLU A 149 16.67 -19.99 -10.98
C GLU A 149 16.66 -20.57 -9.57
N LEU A 150 17.67 -20.28 -8.77
CA LEU A 150 17.70 -20.78 -7.40
C LEU A 150 16.56 -20.17 -6.58
N LYS A 151 16.28 -18.88 -6.78
CA LYS A 151 15.15 -18.26 -6.12
C LYS A 151 13.84 -18.93 -6.52
N LEU A 152 13.67 -19.19 -7.82
CA LEU A 152 12.43 -19.78 -8.31
C LEU A 152 12.28 -21.23 -7.84
N CYS A 153 13.38 -22.00 -7.84
CA CYS A 153 13.33 -23.36 -7.31
C CYS A 153 13.01 -23.36 -5.82
N PHE A 154 13.59 -22.42 -5.07
CA PHE A 154 13.27 -22.30 -3.65
C PHE A 154 11.78 -22.01 -3.46
N ARG A 155 11.23 -21.10 -4.25
CA ARG A 155 9.82 -20.75 -4.12
C ARG A 155 8.93 -21.97 -4.37
N VAL A 156 9.23 -22.72 -5.43
CA VAL A 156 8.40 -23.86 -5.80
C VAL A 156 8.45 -24.93 -4.70
N ARG A 157 9.64 -25.19 -4.16
CA ARG A 157 9.77 -26.20 -3.12
C ARG A 157 8.99 -25.80 -1.86
N LEU A 158 9.16 -24.55 -1.41
CA LEU A 158 8.48 -24.12 -0.21
C LEU A 158 6.97 -24.09 -0.40
N THR A 159 6.50 -23.61 -1.54
CA THR A 159 5.06 -23.54 -1.80
C THR A 159 4.44 -24.92 -1.81
N LYS A 160 5.12 -25.89 -2.43
CA LYS A 160 4.60 -27.26 -2.45
C LYS A 160 4.48 -27.81 -1.04
N TYR A 161 5.49 -27.58 -0.21
CA TYR A 161 5.45 -28.09 1.16
C TYR A 161 4.35 -27.42 1.97
N LEU A 162 4.24 -26.10 1.87
CA LEU A 162 3.24 -25.38 2.65
C LEU A 162 1.83 -25.80 2.25
N TYR A 163 1.56 -25.89 0.94
CA TYR A 163 0.19 -26.17 0.50
C TYR A 163 -0.18 -27.62 0.71
N GLU A 164 0.79 -28.55 0.69
CA GLU A 164 0.49 -29.92 1.05
C GLU A 164 0.03 -30.01 2.50
N GLU A 165 0.70 -29.28 3.39
CA GLU A 165 0.29 -29.26 4.80
C GLU A 165 -0.98 -28.46 4.99
N TYR A 166 -1.28 -27.52 4.09
CA TYR A 166 -2.35 -26.56 4.29
C TYR A 166 -3.71 -27.12 3.87
N LEU A 167 -3.79 -27.70 2.67
CA LEU A 167 -5.04 -28.23 2.15
C LEU A 167 -5.19 -29.67 2.63
N GLN A 168 -5.55 -29.82 3.90
CA GLN A 168 -5.67 -31.14 4.50
C GLN A 168 -6.59 -31.06 5.71
N ALA A 169 -7.76 -31.69 5.62
CA ALA A 169 -8.64 -31.91 6.76
C ALA A 169 -9.02 -30.59 7.44
N PHE A 170 -9.73 -29.75 6.69
CA PHE A 170 -10.29 -28.50 7.17
C PHE A 170 -9.24 -27.51 7.68
N THR A 171 -7.96 -27.80 7.49
CA THR A 171 -6.92 -26.92 8.01
C THR A 171 -7.03 -25.53 7.38
N TYR A 172 -7.34 -25.47 6.09
CA TYR A 172 -7.61 -24.17 5.47
C TYR A 172 -8.77 -23.46 6.15
N TYR A 173 -9.81 -24.21 6.52
CA TYR A 173 -10.95 -23.60 7.20
C TYR A 173 -10.61 -23.19 8.62
N LYS A 174 -9.96 -24.08 9.38
CA LYS A 174 -9.66 -23.79 10.77
C LYS A 174 -8.73 -22.60 10.91
N MET A 175 -7.80 -22.44 9.96
CA MET A 175 -6.78 -21.41 10.08
C MET A 175 -7.37 -20.02 10.28
N GLY A 176 -8.55 -19.76 9.69
CA GLY A 176 -9.15 -18.45 9.76
C GLY A 176 -10.42 -18.41 10.59
N ASN A 177 -11.17 -19.50 10.59
CA ASN A 177 -12.46 -19.56 11.27
C ASN A 177 -12.43 -20.44 12.52
N LEU A 178 -11.25 -20.89 12.94
CA LEU A 178 -11.12 -21.59 14.21
C LEU A 178 -9.93 -21.15 15.03
N ASP A 179 -8.97 -20.41 14.46
CA ASP A 179 -7.87 -19.83 15.20
C ASP A 179 -7.77 -18.35 14.86
N ASN A 180 -6.82 -17.67 15.52
CA ASN A 180 -6.56 -16.26 15.25
C ASN A 180 -5.06 -15.95 15.22
N ARG A 181 -4.19 -16.95 15.29
CA ARG A 181 -2.76 -16.69 15.35
C ARG A 181 -2.20 -16.17 14.03
N ILE A 182 -2.88 -16.41 12.92
CA ILE A 182 -2.54 -15.79 11.64
C ILE A 182 -3.81 -15.20 11.04
N ALA A 183 -3.71 -13.95 10.57
CA ALA A 183 -4.73 -13.37 9.71
C ALA A 183 -4.23 -13.39 8.26
N ASN A 184 -5.15 -13.08 7.35
CA ASN A 184 -4.90 -13.07 5.91
C ASN A 184 -3.93 -14.20 5.51
N PRO A 185 -4.33 -15.46 5.68
CA PRO A 185 -3.42 -16.57 5.35
C PRO A 185 -2.96 -16.57 3.91
N ASP A 186 -3.80 -16.11 2.97
CA ASP A 186 -3.40 -16.12 1.56
C ASP A 186 -2.20 -15.21 1.33
N GLN A 187 -2.18 -14.04 1.97
CA GLN A 187 -1.04 -13.13 1.83
C GLN A 187 0.24 -13.78 2.33
N LEU A 188 0.16 -14.48 3.46
CA LEU A 188 1.36 -15.11 4.02
C LEU A 188 1.80 -16.31 3.20
N LEU A 189 0.86 -17.06 2.63
CA LEU A 189 1.21 -18.24 1.84
C LEU A 189 1.77 -17.87 0.47
N THR A 190 1.38 -16.71 -0.07
CA THR A 190 1.79 -16.30 -1.42
C THR A 190 2.92 -15.30 -1.41
N GLN A 191 2.72 -14.15 -0.76
CA GLN A 191 3.71 -13.08 -0.84
C GLN A 191 4.94 -13.36 0.01
N ASP A 192 4.75 -13.89 1.22
CA ASP A 192 5.88 -14.10 2.11
C ASP A 192 6.83 -15.19 1.58
N VAL A 193 6.29 -16.20 0.89
CA VAL A 193 7.15 -17.24 0.34
C VAL A 193 8.06 -16.66 -0.74
N GLU A 194 7.51 -15.86 -1.65
CA GLU A 194 8.33 -15.25 -2.69
C GLU A 194 9.37 -14.33 -2.07
N LYS A 195 8.95 -13.48 -1.12
CA LYS A 195 9.88 -12.53 -0.51
C LYS A 195 10.97 -13.26 0.27
N PHE A 196 10.61 -14.33 0.98
CA PHE A 196 11.60 -15.04 1.76
C PHE A 196 12.64 -15.71 0.88
N CYS A 197 12.20 -16.36 -0.21
CA CYS A 197 13.13 -17.00 -1.12
C CYS A 197 14.05 -15.98 -1.77
N ASN A 198 13.50 -14.85 -2.19
CA ASN A 198 14.34 -13.80 -2.76
C ASN A 198 15.35 -13.27 -1.75
N SER A 199 14.92 -13.08 -0.51
CA SER A 199 15.80 -12.49 0.50
C SER A 199 16.95 -13.43 0.86
N VAL A 200 16.67 -14.73 1.00
CA VAL A 200 17.72 -15.66 1.38
C VAL A 200 18.76 -15.78 0.28
N VAL A 201 18.32 -15.83 -0.98
CA VAL A 201 19.27 -15.94 -2.08
C VAL A 201 20.05 -14.65 -2.27
N ASP A 202 19.38 -13.50 -2.12
CA ASP A 202 20.07 -12.23 -2.24
C ASP A 202 21.14 -12.08 -1.16
N LEU A 203 20.83 -12.51 0.07
CA LEU A 203 21.83 -12.46 1.13
C LEU A 203 23.02 -13.35 0.80
N TYR A 204 22.74 -14.56 0.31
CA TYR A 204 23.82 -15.48 -0.05
C TYR A 204 24.73 -14.86 -1.11
N SER A 205 24.14 -14.34 -2.18
CA SER A 205 24.94 -13.77 -3.26
C SER A 205 25.72 -12.55 -2.79
N ASN A 206 25.06 -11.66 -2.04
CA ASN A 206 25.67 -10.40 -1.65
C ASN A 206 26.66 -10.54 -0.50
N LEU A 207 26.70 -11.68 0.19
CA LEU A 207 27.75 -11.97 1.15
C LEU A 207 28.86 -12.81 0.57
N SER A 208 28.61 -13.51 -0.55
CA SER A 208 29.62 -14.36 -1.18
C SER A 208 30.46 -13.61 -2.20
N LYS A 209 29.92 -12.58 -2.83
CA LYS A 209 30.69 -11.82 -3.81
C LYS A 209 31.68 -10.90 -3.12
N PRO A 210 31.24 -10.01 -2.21
CA PRO A 210 32.22 -9.17 -1.50
C PRO A 210 33.27 -9.95 -0.74
N PHE A 211 32.91 -11.08 -0.14
CA PHE A 211 33.89 -11.84 0.63
C PHE A 211 35.05 -12.28 -0.26
N LEU A 212 34.74 -12.85 -1.41
CA LEU A 212 35.80 -13.28 -2.33
C LEU A 212 36.61 -12.10 -2.84
N ASP A 213 35.94 -10.99 -3.17
CA ASP A 213 36.64 -9.82 -3.68
C ASP A 213 37.63 -9.31 -2.64
N ILE A 214 37.20 -9.19 -1.39
CA ILE A 214 38.07 -8.67 -0.34
C ILE A 214 39.26 -9.61 -0.13
N VAL A 215 39.01 -10.92 -0.12
CA VAL A 215 40.09 -11.87 0.10
C VAL A 215 41.14 -11.75 -1.00
N LEU A 216 40.69 -11.73 -2.26
CA LEU A 216 41.63 -11.69 -3.38
C LEU A 216 42.41 -10.38 -3.38
N TYR A 217 41.73 -9.25 -3.17
CA TYR A 217 42.40 -7.96 -3.28
C TYR A 217 43.32 -7.71 -2.09
N ILE A 218 42.94 -8.17 -0.90
CA ILE A 218 43.85 -8.05 0.24
C ILE A 218 45.08 -8.91 0.03
N PHE A 219 44.90 -10.12 -0.51
CA PHE A 219 46.04 -10.99 -0.77
C PHE A 219 47.00 -10.35 -1.77
N LYS A 220 46.46 -9.76 -2.84
CA LYS A 220 47.32 -9.15 -3.86
C LYS A 220 48.01 -7.91 -3.34
N LEU A 221 47.30 -7.10 -2.53
CA LEU A 221 47.89 -5.88 -2.01
C LEU A 221 48.93 -6.17 -0.94
N THR A 222 48.79 -7.28 -0.23
CA THR A 222 49.80 -7.67 0.76
C THR A 222 51.17 -7.79 0.12
N SER A 223 51.23 -8.12 -1.17
CA SER A 223 52.48 -8.22 -1.90
C SER A 223 52.81 -6.92 -2.64
N ALA A 224 51.80 -6.29 -3.25
CA ALA A 224 52.05 -5.08 -4.02
C ALA A 224 52.46 -3.93 -3.12
N ILE A 225 51.77 -3.74 -2.00
CA ILE A 225 52.04 -2.63 -1.10
C ILE A 225 52.60 -3.09 0.25
N GLY A 226 52.39 -4.34 0.63
CA GLY A 226 52.73 -4.80 1.95
C GLY A 226 51.51 -4.84 2.87
N ALA A 227 51.65 -5.60 3.96
CA ALA A 227 50.53 -5.76 4.88
C ALA A 227 50.07 -4.44 5.47
N GLN A 228 50.94 -3.42 5.47
CA GLN A 228 50.58 -2.16 6.12
C GLN A 228 49.49 -1.42 5.35
N GLY A 229 49.46 -1.56 4.02
CA GLY A 229 48.53 -0.82 3.20
C GLY A 229 47.09 -1.22 3.45
N PRO A 230 46.76 -2.48 3.16
CA PRO A 230 45.37 -2.93 3.41
C PRO A 230 44.94 -2.78 4.86
N ALA A 231 45.85 -3.04 5.80
CA ALA A 231 45.50 -2.92 7.22
C ALA A 231 45.15 -1.48 7.57
N SER A 232 45.97 -0.53 7.11
CA SER A 232 45.71 0.87 7.44
C SER A 232 44.44 1.36 6.79
N MET A 233 44.18 0.96 5.54
CA MET A 233 42.96 1.39 4.86
C MET A 233 41.73 0.82 5.56
N MET A 234 41.75 -0.47 5.89
CA MET A 234 40.62 -1.08 6.58
C MET A 234 40.42 -0.46 7.96
N ALA A 235 41.52 -0.17 8.67
CA ALA A 235 41.42 0.44 9.98
C ALA A 235 40.74 1.80 9.91
N TYR A 236 41.13 2.63 8.93
CA TYR A 236 40.49 3.93 8.77
C TYR A 236 39.02 3.77 8.42
N LEU A 237 38.70 2.86 7.50
CA LEU A 237 37.32 2.70 7.07
C LEU A 237 36.44 2.28 8.24
N VAL A 238 36.92 1.36 9.07
CA VAL A 238 36.15 0.92 10.23
C VAL A 238 35.96 2.07 11.20
N VAL A 239 37.04 2.79 11.52
CA VAL A 239 36.96 3.87 12.50
C VAL A 239 36.05 4.98 12.00
N SER A 240 36.17 5.36 10.72
CA SER A 240 35.31 6.40 10.17
C SER A 240 33.85 5.96 10.20
N GLY A 241 33.58 4.71 9.86
CA GLY A 241 32.21 4.23 9.88
C GLY A 241 31.61 4.28 11.28
N LEU A 242 32.38 3.85 12.27
CA LEU A 242 31.90 3.93 13.65
C LEU A 242 31.65 5.38 14.05
N PHE A 243 32.58 6.27 13.72
CA PHE A 243 32.44 7.67 14.10
C PHE A 243 31.22 8.30 13.44
N LEU A 244 31.00 8.02 12.16
CA LEU A 244 29.85 8.61 11.47
C LEU A 244 28.54 8.01 11.94
N THR A 245 28.53 6.71 12.25
CA THR A 245 27.32 6.10 12.79
C THR A 245 26.94 6.71 14.12
N ARG A 246 27.93 6.97 14.98
CA ARG A 246 27.65 7.64 16.24
C ARG A 246 27.08 9.03 16.01
N LEU A 247 27.64 9.76 15.05
CA LEU A 247 27.16 11.12 14.77
C LEU A 247 25.76 11.11 14.19
N ARG A 248 25.38 10.04 13.48
CA ARG A 248 24.12 9.98 12.77
C ARG A 248 22.97 9.44 13.61
N ARG A 249 23.15 9.36 14.93
CA ARG A 249 22.10 8.83 15.79
C ARG A 249 20.82 9.65 15.74
N PRO A 250 20.86 10.99 15.81
CA PRO A 250 19.60 11.75 15.91
C PRO A 250 18.68 11.59 14.72
N ILE A 251 19.18 11.18 13.55
CA ILE A 251 18.34 11.13 12.37
C ILE A 251 17.15 10.20 12.59
N GLY A 252 17.37 9.08 13.26
CA GLY A 252 16.27 8.18 13.54
C GLY A 252 15.18 8.83 14.38
N LYS A 253 15.58 9.58 15.41
CA LYS A 253 14.60 10.26 16.26
C LYS A 253 13.82 11.29 15.45
N MET A 254 14.52 12.08 14.64
CA MET A 254 13.85 13.09 13.83
C MET A 254 12.96 12.44 12.77
N THR A 255 13.39 11.30 12.22
CA THR A 255 12.59 10.63 11.20
C THR A 255 11.26 10.16 11.76
N ILE A 256 11.28 9.56 12.96
CA ILE A 256 10.03 9.09 13.55
C ILE A 256 9.15 10.26 13.95
N THR A 257 9.76 11.35 14.42
CA THR A 257 8.98 12.55 14.72
C THR A 257 8.33 13.10 13.47
N GLU A 258 9.06 13.10 12.35
CA GLU A 258 8.49 13.56 11.09
C GLU A 258 7.31 12.68 10.67
N GLN A 259 7.47 11.35 10.78
CA GLN A 259 6.39 10.45 10.42
C GLN A 259 5.18 10.66 11.33
N LYS A 260 5.42 10.88 12.62
CA LYS A 260 4.32 11.15 13.54
C LYS A 260 3.57 12.41 13.14
N TYR A 261 4.29 13.48 12.80
CA TYR A 261 3.62 14.73 12.43
C TYR A 261 2.86 14.58 11.12
N GLU A 262 3.42 13.86 10.15
CA GLU A 262 2.68 13.62 8.92
C GLU A 262 1.42 12.80 9.19
N GLY A 263 1.52 11.80 10.07
CA GLY A 263 0.33 11.04 10.44
C GLY A 263 -0.73 11.92 11.08
N GLU A 264 -0.31 12.83 11.95
CA GLU A 264 -1.26 13.77 12.55
C GLU A 264 -1.91 14.64 11.49
N TYR A 265 -1.12 15.12 10.53
CA TYR A 265 -1.66 15.95 9.46
C TYR A 265 -2.68 15.18 8.64
N ARG A 266 -2.39 13.92 8.30
CA ARG A 266 -3.34 13.11 7.57
C ARG A 266 -4.61 12.87 8.38
N TYR A 267 -4.44 12.56 9.67
CA TYR A 267 -5.59 12.25 10.51
C TYR A 267 -6.52 13.45 10.66
N VAL A 268 -5.95 14.64 10.83
CA VAL A 268 -6.76 15.85 10.98
C VAL A 268 -7.56 16.10 9.70
N ASN A 269 -6.92 15.93 8.54
CA ASN A 269 -7.63 16.12 7.28
C ASN A 269 -8.77 15.13 7.14
N SER A 270 -8.53 13.86 7.50
CA SER A 270 -9.58 12.86 7.42
C SER A 270 -10.75 13.20 8.34
N ARG A 271 -10.45 13.68 9.54
CA ARG A 271 -11.52 14.12 10.45
C ARG A 271 -12.34 15.23 9.83
N LEU A 272 -11.67 16.21 9.20
CA LEU A 272 -12.38 17.29 8.54
C LEU A 272 -13.29 16.76 7.43
N ILE A 273 -12.94 15.61 6.86
CA ILE A 273 -13.74 15.04 5.78
C ILE A 273 -14.96 14.32 6.34
N THR A 274 -14.74 13.40 7.27
CA THR A 274 -15.82 12.55 7.76
C THR A 274 -16.89 13.35 8.49
N ASN A 275 -16.56 14.52 9.02
CA ASN A 275 -17.49 15.35 9.76
C ASN A 275 -17.77 16.66 9.02
N SER A 276 -17.85 16.57 7.69
CA SER A 276 -18.02 17.77 6.88
C SER A 276 -19.43 18.34 6.97
N GLU A 277 -20.44 17.48 7.12
CA GLU A 277 -21.81 17.96 7.17
C GLU A 277 -22.06 18.77 8.45
N GLU A 278 -21.64 18.23 9.60
CA GLU A 278 -21.86 18.94 10.86
C GLU A 278 -21.11 20.26 10.87
N ILE A 279 -19.87 20.27 10.37
CA ILE A 279 -19.12 21.51 10.26
C ILE A 279 -19.83 22.48 9.33
N ALA A 280 -20.37 21.96 8.22
CA ALA A 280 -21.04 22.81 7.24
C ALA A 280 -22.24 23.51 7.86
N PHE A 281 -23.05 22.78 8.63
CA PHE A 281 -24.18 23.41 9.31
C PHE A 281 -23.71 24.55 10.19
N TYR A 282 -22.53 24.40 10.80
CA TYR A 282 -21.86 25.49 11.46
C TYR A 282 -21.18 26.38 10.43
N ASN A 283 -20.88 27.61 10.83
CA ASN A 283 -20.02 28.48 10.03
C ASN A 283 -18.58 28.38 10.53
N GLY A 284 -18.08 27.14 10.54
CA GLY A 284 -16.82 26.83 11.15
C GLY A 284 -15.65 26.73 10.19
N ASN A 285 -15.81 27.31 9.00
CA ASN A 285 -14.71 27.30 8.04
C ASN A 285 -13.50 28.04 8.61
N LYS A 286 -13.73 29.09 9.38
CA LYS A 286 -12.67 29.90 9.97
C LYS A 286 -12.09 29.27 11.23
N ARG A 287 -12.49 28.05 11.59
CA ARG A 287 -11.94 27.35 12.74
C ARG A 287 -11.17 26.12 12.33
N GLU A 288 -11.74 25.27 11.47
CA GLU A 288 -10.97 24.14 10.95
C GLU A 288 -9.77 24.59 10.15
N LYS A 289 -9.85 25.77 9.52
CA LYS A 289 -8.69 26.33 8.85
C LYS A 289 -7.57 26.60 9.85
N GLN A 290 -7.92 27.14 11.01
CA GLN A 290 -6.90 27.40 12.04
C GLN A 290 -6.28 26.11 12.55
N THR A 291 -7.09 25.09 12.77
CA THR A 291 -6.57 23.83 13.29
C THR A 291 -5.61 23.17 12.30
N VAL A 292 -6.01 23.11 11.03
CA VAL A 292 -5.15 22.47 10.02
C VAL A 292 -3.89 23.29 9.80
N HIS A 293 -4.02 24.62 9.78
CA HIS A 293 -2.84 25.46 9.62
C HIS A 293 -1.86 25.29 10.76
N SER A 294 -2.38 25.16 11.99
CA SER A 294 -1.50 24.94 13.13
C SER A 294 -0.76 23.61 13.03
N VAL A 295 -1.46 22.56 12.59
CA VAL A 295 -0.81 21.27 12.42
C VAL A 295 0.25 21.34 11.32
N PHE A 296 -0.05 22.05 10.24
CA PHE A 296 0.92 22.18 9.16
C PHE A 296 2.17 22.90 9.63
N ARG A 297 2.00 23.97 10.41
CA ARG A 297 3.16 24.67 10.95
C ARG A 297 3.98 23.76 11.85
N LYS A 298 3.30 22.96 12.69
CA LYS A 298 4.03 22.01 13.53
C LYS A 298 4.90 21.09 12.69
N LEU A 299 4.36 20.57 11.59
CA LEU A 299 5.15 19.71 10.71
C LEU A 299 6.25 20.50 10.01
N VAL A 300 5.93 21.71 9.55
CA VAL A 300 6.86 22.45 8.70
C VAL A 300 8.09 22.90 9.47
N GLU A 301 7.91 23.34 10.71
CA GLU A 301 9.06 23.77 11.50
C GLU A 301 10.00 22.59 11.76
N HIS A 302 9.46 21.41 12.02
CA HIS A 302 10.31 20.23 12.18
C HIS A 302 11.08 19.95 10.90
N LEU A 303 10.44 20.12 9.74
CA LEU A 303 11.11 19.87 8.48
C LEU A 303 12.29 20.81 8.29
N HIS A 304 12.13 22.08 8.65
CA HIS A 304 13.27 23.00 8.65
C HIS A 304 14.41 22.47 9.50
N ASN A 305 14.11 22.09 10.75
CA ASN A 305 15.14 21.61 11.65
C ASN A 305 15.79 20.33 11.09
N PHE A 306 14.99 19.44 10.53
CA PHE A 306 15.53 18.20 9.99
C PHE A 306 16.41 18.48 8.77
N ILE A 307 16.05 19.46 7.96
CA ILE A 307 16.86 19.81 6.80
C ILE A 307 18.18 20.43 7.24
N LEU A 308 18.15 21.33 8.22
CA LEU A 308 19.38 21.95 8.69
C LEU A 308 20.34 20.93 9.29
N PHE A 309 19.81 19.99 10.09
CA PHE A 309 20.67 18.96 10.64
C PHE A 309 21.27 18.08 9.56
N ARG A 310 20.47 17.74 8.55
CA ARG A 310 20.98 16.90 7.46
C ARG A 310 22.11 17.62 6.72
N PHE A 311 21.97 18.94 6.54
CA PHE A 311 23.05 19.72 5.93
C PHE A 311 24.31 19.65 6.78
N SER A 312 24.18 19.87 8.09
CA SER A 312 25.34 19.83 8.98
C SER A 312 25.97 18.45 9.01
N MET A 313 25.16 17.40 9.09
CA MET A 313 25.70 16.06 9.13
C MET A 313 26.35 15.69 7.81
N GLY A 314 25.77 16.11 6.69
CA GLY A 314 26.36 15.77 5.40
C GLY A 314 27.75 16.37 5.21
N PHE A 315 27.93 17.61 5.65
CA PHE A 315 29.23 18.26 5.52
C PHE A 315 30.33 17.42 6.15
N ILE A 316 30.12 16.98 7.38
CA ILE A 316 31.12 16.16 8.07
C ILE A 316 31.27 14.81 7.37
N ASP A 317 30.17 14.25 6.88
CA ASP A 317 30.22 12.95 6.24
C ASP A 317 31.07 13.00 4.97
N SER A 318 30.88 14.04 4.15
CA SER A 318 31.66 14.16 2.93
C SER A 318 33.15 14.32 3.24
N ILE A 319 33.48 15.18 4.21
CA ILE A 319 34.87 15.41 4.56
C ILE A 319 35.53 14.12 5.02
N ILE A 320 34.85 13.36 5.88
CA ILE A 320 35.49 12.26 6.57
C ILE A 320 35.50 11.01 5.70
N ALA A 321 34.37 10.67 5.09
CA ALA A 321 34.22 9.39 4.41
C ALA A 321 34.46 9.46 2.91
N LYS A 322 34.46 10.65 2.31
CA LYS A 322 34.56 10.78 0.87
C LYS A 322 35.93 11.26 0.40
N TYR A 323 36.56 12.18 1.13
CA TYR A 323 37.81 12.78 0.71
C TYR A 323 39.00 12.39 1.57
N LEU A 324 38.85 12.33 2.89
CA LEU A 324 39.94 11.80 3.70
C LEU A 324 40.21 10.34 3.39
N ALA A 325 39.21 9.62 2.89
CA ALA A 325 39.46 8.26 2.40
C ALA A 325 40.39 8.29 1.19
N THR A 326 40.21 9.27 0.30
CA THR A 326 41.10 9.43 -0.85
C THR A 326 42.50 9.79 -0.40
N VAL A 327 42.63 10.69 0.58
CA VAL A 327 43.95 11.07 1.06
C VAL A 327 44.65 9.87 1.68
N VAL A 328 43.94 9.09 2.49
CA VAL A 328 44.54 7.91 3.11
C VAL A 328 44.91 6.90 2.05
N GLY A 329 44.08 6.75 1.01
CA GLY A 329 44.41 5.83 -0.06
C GLY A 329 45.66 6.23 -0.83
N TYR A 330 45.80 7.53 -1.10
CA TYR A 330 47.01 8.02 -1.76
C TYR A 330 48.23 7.75 -0.90
N LEU A 331 48.13 8.02 0.40
CA LEU A 331 49.25 7.80 1.31
C LEU A 331 49.62 6.33 1.37
N VAL A 332 48.63 5.44 1.39
CA VAL A 332 48.89 4.01 1.51
C VAL A 332 49.60 3.50 0.26
N VAL A 333 49.08 3.85 -0.91
CA VAL A 333 49.62 3.30 -2.15
C VAL A 333 51.00 3.87 -2.46
N SER A 334 51.28 5.10 -2.05
CA SER A 334 52.51 5.78 -2.45
C SER A 334 53.75 5.22 -1.78
N ARG A 335 53.61 4.35 -0.79
CA ARG A 335 54.77 3.92 -0.02
C ARG A 335 55.82 3.23 -0.88
N PRO A 336 55.48 2.23 -1.69
CA PRO A 336 56.52 1.59 -2.53
C PRO A 336 57.17 2.52 -3.53
N PHE A 337 56.52 3.63 -3.90
CA PHE A 337 57.03 4.51 -4.94
C PHE A 337 57.94 5.59 -4.38
N LEU A 338 57.41 6.42 -3.47
CA LEU A 338 58.20 7.52 -2.95
C LEU A 338 59.42 7.05 -2.17
N ASP A 339 59.45 5.78 -1.76
CA ASP A 339 60.61 5.21 -1.10
C ASP A 339 61.60 4.78 -2.17
N LEU A 340 62.49 5.71 -2.54
CA LEU A 340 63.40 5.47 -3.65
C LEU A 340 64.25 4.23 -3.43
N SER A 341 64.50 3.86 -2.17
CA SER A 341 65.30 2.70 -1.83
C SER A 341 64.43 1.50 -1.44
N HIS A 342 63.22 1.42 -1.98
CA HIS A 342 62.36 0.29 -1.65
C HIS A 342 63.05 -1.01 -2.03
N PRO A 343 63.00 -2.05 -1.19
CA PRO A 343 63.93 -3.18 -1.34
C PRO A 343 64.03 -3.72 -2.75
N ARG A 344 62.93 -4.26 -3.28
CA ARG A 344 62.97 -4.89 -4.60
C ARG A 344 61.83 -4.48 -5.53
N HIS A 345 60.68 -4.06 -5.02
CA HIS A 345 59.50 -3.97 -5.86
C HIS A 345 59.71 -3.03 -7.04
N LEU A 346 60.14 -1.80 -6.77
CA LEU A 346 60.11 -0.73 -7.77
C LEU A 346 61.50 -0.13 -7.94
N LYS A 347 62.27 -0.72 -8.83
CA LYS A 347 63.50 -0.14 -9.39
C LYS A 347 63.48 -0.34 -10.91
N SER A 348 62.36 0.04 -11.52
CA SER A 348 62.00 -0.41 -12.87
C SER A 348 61.68 0.74 -13.80
N THR A 349 61.18 0.41 -14.99
CA THR A 349 60.89 1.39 -16.03
C THR A 349 59.70 2.26 -15.65
N HIS A 350 59.53 3.35 -16.40
CA HIS A 350 58.38 4.23 -16.16
C HIS A 350 57.07 3.50 -16.39
N SER A 351 56.98 2.70 -17.45
CA SER A 351 55.75 1.98 -17.74
C SER A 351 55.42 1.00 -16.62
N GLU A 352 56.45 0.35 -16.06
CA GLU A 352 56.22 -0.54 -14.92
C GLU A 352 55.70 0.23 -13.71
N LEU A 353 56.27 1.41 -13.45
CA LEU A 353 55.79 2.24 -12.35
C LEU A 353 54.34 2.66 -12.59
N LEU A 354 54.01 3.04 -13.83
CA LEU A 354 52.65 3.43 -14.15
C LEU A 354 51.68 2.28 -13.90
N GLU A 355 51.99 1.10 -14.42
CA GLU A 355 51.09 -0.04 -14.29
C GLU A 355 50.92 -0.45 -12.84
N ASP A 356 52.04 -0.53 -12.10
CA ASP A 356 51.96 -0.98 -10.71
C ASP A 356 51.11 -0.05 -9.87
N TYR A 357 51.24 1.26 -10.08
CA TYR A 357 50.47 2.21 -9.28
C TYR A 357 48.97 2.03 -9.53
N TYR A 358 48.56 1.98 -10.79
CA TYR A 358 47.14 2.01 -11.10
C TYR A 358 46.47 0.67 -10.80
N GLN A 359 47.22 -0.43 -10.93
CA GLN A 359 46.70 -1.72 -10.49
C GLN A 359 46.45 -1.71 -8.99
N SER A 360 47.42 -1.21 -8.21
CA SER A 360 47.26 -1.16 -6.76
C SER A 360 46.15 -0.20 -6.36
N GLY A 361 46.07 0.97 -7.00
CA GLY A 361 45.06 1.94 -6.64
C GLY A 361 43.64 1.43 -6.91
N ARG A 362 43.45 0.74 -8.03
CA ARG A 362 42.14 0.21 -8.35
C ARG A 362 41.77 -0.96 -7.44
N MET A 363 42.76 -1.76 -7.05
CA MET A 363 42.50 -2.86 -6.11
C MET A 363 42.03 -2.31 -4.77
N LEU A 364 42.66 -1.24 -4.29
CA LEU A 364 42.24 -0.65 -3.03
C LEU A 364 40.81 -0.12 -3.12
N LEU A 365 40.48 0.55 -4.23
CA LEU A 365 39.13 1.08 -4.39
C LEU A 365 38.09 -0.04 -4.40
N ARG A 366 38.37 -1.13 -5.11
CA ARG A 366 37.40 -2.21 -5.20
C ARG A 366 37.33 -3.02 -3.91
N MET A 367 38.45 -3.10 -3.16
CA MET A 367 38.39 -3.71 -1.84
C MET A 367 37.46 -2.92 -0.93
N SER A 368 37.59 -1.60 -0.94
CA SER A 368 36.75 -0.76 -0.07
C SER A 368 35.29 -0.83 -0.48
N GLN A 369 35.02 -0.82 -1.79
CA GLN A 369 33.64 -1.00 -2.24
C GLN A 369 33.07 -2.32 -1.74
N ALA A 370 33.90 -3.36 -1.71
CA ALA A 370 33.45 -4.65 -1.21
C ALA A 370 33.09 -4.57 0.27
N LEU A 371 33.86 -3.81 1.05
CA LEU A 371 33.52 -3.61 2.45
C LEU A 371 32.14 -2.97 2.59
N GLY A 372 31.86 -1.96 1.76
CA GLY A 372 30.54 -1.34 1.80
C GLY A 372 29.43 -2.32 1.47
N ARG A 373 29.64 -3.13 0.44
CA ARG A 373 28.60 -4.07 0.00
C ARG A 373 28.32 -5.12 1.07
N ILE A 374 29.36 -5.64 1.72
CA ILE A 374 29.15 -6.66 2.75
C ILE A 374 28.42 -6.06 3.94
N VAL A 375 28.67 -4.79 4.24
CA VAL A 375 27.92 -4.11 5.29
C VAL A 375 26.43 -4.06 4.93
N LEU A 376 26.14 -3.71 3.67
CA LEU A 376 24.74 -3.66 3.24
C LEU A 376 24.08 -5.02 3.33
N ALA A 377 24.80 -6.08 2.92
CA ALA A 377 24.23 -7.41 3.00
C ALA A 377 23.92 -7.81 4.44
N GLY A 378 24.83 -7.48 5.36
CA GLY A 378 24.55 -7.73 6.77
C GLY A 378 23.30 -7.03 7.25
N ARG A 379 23.07 -5.81 6.77
CA ARG A 379 21.84 -5.09 7.13
C ARG A 379 20.61 -5.81 6.61
N GLU A 380 20.69 -6.34 5.38
CA GLU A 380 19.56 -7.07 4.81
C GLU A 380 19.27 -8.35 5.56
N MET A 381 20.20 -8.84 6.37
CA MET A 381 19.94 -10.03 7.17
C MET A 381 18.76 -9.82 8.11
N THR A 382 18.52 -8.58 8.53
CA THR A 382 17.40 -8.31 9.42
C THR A 382 16.07 -8.63 8.74
N ARG A 383 15.92 -8.21 7.49
CA ARG A 383 14.70 -8.54 6.75
C ARG A 383 14.55 -10.05 6.61
N LEU A 384 15.65 -10.75 6.32
CA LEU A 384 15.59 -12.20 6.24
C LEU A 384 15.05 -12.79 7.54
N ALA A 385 15.50 -12.25 8.67
CA ALA A 385 15.02 -12.74 9.97
C ALA A 385 13.53 -12.50 10.14
N GLY A 386 13.03 -11.34 9.67
CA GLY A 386 11.61 -11.07 9.77
C GLY A 386 10.78 -12.07 8.96
N PHE A 387 11.20 -12.34 7.73
CA PHE A 387 10.47 -13.29 6.89
C PHE A 387 10.52 -14.69 7.49
N THR A 388 11.66 -15.10 8.02
CA THR A 388 11.77 -16.42 8.63
C THR A 388 10.83 -16.55 9.82
N ALA A 389 10.73 -15.50 10.63
CA ALA A 389 9.86 -15.54 11.80
C ALA A 389 8.41 -15.76 11.38
N ARG A 390 7.97 -15.04 10.35
CA ARG A 390 6.59 -15.19 9.88
C ARG A 390 6.35 -16.59 9.35
N ILE A 391 7.28 -17.13 8.55
CA ILE A 391 7.11 -18.45 7.98
C ILE A 391 7.13 -19.51 9.08
N THR A 392 7.99 -19.34 10.08
CA THR A 392 8.03 -20.30 11.18
C THR A 392 6.73 -20.28 11.98
N GLU A 393 6.13 -19.10 12.15
CA GLU A 393 4.82 -19.03 12.79
C GLU A 393 3.78 -19.78 11.96
N LEU A 394 3.81 -19.60 10.64
CA LEU A 394 2.88 -20.32 9.78
C LEU A 394 3.06 -21.83 9.92
N MET A 395 4.30 -22.31 9.80
CA MET A 395 4.54 -23.74 9.87
C MET A 395 4.08 -24.32 11.20
N GLN A 396 4.33 -23.60 12.29
CA GLN A 396 3.89 -24.08 13.60
C GLN A 396 2.38 -24.24 13.65
N VAL A 397 1.63 -23.27 13.12
CA VAL A 397 0.18 -23.33 13.21
C VAL A 397 -0.36 -24.46 12.34
N LEU A 398 0.20 -24.68 11.15
CA LEU A 398 -0.23 -25.82 10.34
C LEU A 398 0.02 -27.12 11.08
N LYS A 399 1.15 -27.23 11.78
CA LYS A 399 1.44 -28.43 12.54
C LYS A 399 0.45 -28.61 13.69
N ASP A 400 0.10 -27.51 14.37
CA ASP A 400 -0.89 -27.60 15.43
C ASP A 400 -2.24 -28.05 14.87
N LEU A 401 -2.71 -27.41 13.81
CA LEU A 401 -4.02 -27.71 13.27
C LEU A 401 -4.09 -29.16 12.78
N ASN A 402 -3.08 -29.59 12.02
CA ASN A 402 -3.15 -30.90 11.37
C ASN A 402 -3.23 -32.04 12.38
N HIS A 403 -2.80 -31.82 13.62
CA HIS A 403 -2.92 -32.81 14.68
C HIS A 403 -4.11 -32.52 15.60
N GLY A 404 -4.93 -31.52 15.28
CA GLY A 404 -6.12 -31.21 16.04
C GLY A 404 -5.92 -30.16 17.11
N LYS A 405 -4.70 -29.89 17.53
CA LYS A 405 -4.45 -28.91 18.57
C LYS A 405 -4.66 -27.50 18.02
N TYR A 406 -5.41 -26.69 18.75
CA TYR A 406 -5.66 -25.31 18.35
C TYR A 406 -5.67 -24.42 19.59
N GLU A 407 -5.33 -23.15 19.40
CA GLU A 407 -5.25 -22.20 20.49
C GLU A 407 -5.78 -20.85 20.05
N ARG A 408 -6.22 -20.05 21.02
CA ARG A 408 -6.68 -18.69 20.79
C ARG A 408 -7.76 -18.65 19.71
N THR A 409 -8.89 -19.28 20.01
CA THR A 409 -10.03 -19.28 19.10
C THR A 409 -10.64 -17.88 19.07
N MET A 410 -10.44 -17.18 17.96
CA MET A 410 -11.00 -15.84 17.79
C MET A 410 -10.57 -14.93 18.93
N ILE A 424 -15.37 -25.23 32.51
CA ILE A 424 -15.46 -25.49 31.08
C ILE A 424 -14.92 -26.89 30.80
N PRO A 425 -15.62 -27.66 29.94
CA PRO A 425 -15.11 -28.99 29.58
C PRO A 425 -13.87 -28.91 28.72
N LEU A 426 -13.35 -30.06 28.29
CA LEU A 426 -12.15 -30.09 27.47
C LEU A 426 -12.45 -29.42 26.13
N ILE A 427 -11.94 -28.20 25.94
CA ILE A 427 -12.18 -27.47 24.70
C ILE A 427 -11.67 -28.23 23.49
N PRO A 428 -10.44 -28.75 23.47
CA PRO A 428 -9.93 -29.43 22.27
C PRO A 428 -10.47 -30.86 22.13
N GLY A 429 -11.79 -30.96 22.00
CA GLY A 429 -12.43 -32.25 21.76
C GLY A 429 -12.83 -32.97 23.03
N ALA A 430 -14.11 -33.29 23.14
CA ALA A 430 -14.64 -34.07 24.25
C ALA A 430 -15.68 -35.03 23.71
N GLY A 431 -15.89 -36.14 24.43
CA GLY A 431 -16.81 -37.15 23.97
C GLY A 431 -16.22 -38.00 22.87
N GLU A 432 -17.09 -38.54 22.02
CA GLU A 432 -16.67 -39.41 20.94
C GLU A 432 -17.59 -39.23 19.74
N ILE A 433 -17.09 -39.61 18.58
CA ILE A 433 -17.86 -39.59 17.33
C ILE A 433 -17.76 -40.97 16.70
N ILE A 434 -18.91 -41.53 16.34
CA ILE A 434 -18.96 -42.84 15.69
C ILE A 434 -19.35 -42.64 14.23
N ILE A 435 -19.11 -43.67 13.43
CA ILE A 435 -19.32 -43.63 11.98
C ILE A 435 -20.44 -44.59 11.63
N ALA A 436 -21.46 -44.08 10.95
CA ALA A 436 -22.57 -44.89 10.48
C ALA A 436 -23.24 -44.18 9.31
N ASP A 437 -24.05 -44.93 8.57
CA ASP A 437 -24.71 -44.43 7.38
C ASP A 437 -26.21 -44.34 7.58
N ASN A 438 -26.80 -43.25 7.12
CA ASN A 438 -28.24 -43.02 7.16
C ASN A 438 -28.78 -42.93 8.58
N ILE A 439 -27.91 -42.70 9.56
CA ILE A 439 -28.33 -42.54 10.96
C ILE A 439 -27.53 -41.41 11.58
N ILE A 440 -28.23 -40.51 12.28
CA ILE A 440 -27.60 -39.44 13.06
C ILE A 440 -28.22 -39.47 14.45
N LYS A 441 -27.37 -39.51 15.47
CA LYS A 441 -27.82 -39.67 16.85
C LYS A 441 -27.06 -38.71 17.75
N PHE A 442 -27.74 -37.65 18.20
CA PHE A 442 -27.19 -36.79 19.23
C PHE A 442 -27.50 -37.39 20.59
N ASP A 443 -26.46 -37.64 21.39
CA ASP A 443 -26.60 -38.25 22.71
C ASP A 443 -25.81 -37.41 23.71
N HIS A 444 -26.50 -36.50 24.39
CA HIS A 444 -25.89 -35.67 25.43
C HIS A 444 -24.68 -34.92 24.89
N VAL A 445 -24.88 -34.23 23.78
CA VAL A 445 -23.82 -33.43 23.15
C VAL A 445 -24.13 -31.96 23.37
N PRO A 446 -23.44 -31.27 24.29
CA PRO A 446 -23.69 -29.83 24.50
C PRO A 446 -22.98 -28.96 23.47
N LEU A 447 -23.63 -28.77 22.32
CA LEU A 447 -23.06 -27.97 21.25
C LEU A 447 -22.75 -26.57 21.78
N ALA A 448 -21.58 -26.05 21.41
CA ALA A 448 -21.12 -24.79 21.95
C ALA A 448 -20.09 -24.18 21.01
N THR A 449 -19.85 -22.88 21.20
CA THR A 449 -18.81 -22.21 20.45
C THR A 449 -17.45 -22.78 20.85
N PRO A 450 -16.49 -22.89 19.91
CA PRO A 450 -15.17 -23.42 20.28
C PRO A 450 -14.45 -22.58 21.34
N ASN A 451 -14.87 -21.34 21.56
CA ASN A 451 -14.31 -20.54 22.65
C ASN A 451 -14.61 -21.16 24.01
N GLY A 452 -15.57 -22.06 24.08
CA GLY A 452 -15.98 -22.70 25.33
C GLY A 452 -17.31 -22.20 25.86
N ASP A 453 -17.78 -21.04 25.41
CA ASP A 453 -19.07 -20.53 25.85
C ASP A 453 -20.18 -21.48 25.44
N VAL A 454 -20.84 -22.09 26.43
CA VAL A 454 -21.85 -23.10 26.15
C VAL A 454 -23.08 -22.40 25.58
N LEU A 455 -23.51 -22.85 24.39
CA LEU A 455 -24.69 -22.25 23.76
C LEU A 455 -25.98 -22.71 24.44
N ILE A 456 -26.07 -24.00 24.77
CA ILE A 456 -27.29 -24.59 25.32
C ILE A 456 -26.90 -25.67 26.31
N ARG A 457 -27.89 -26.15 27.07
CA ARG A 457 -27.69 -27.25 28.00
C ARG A 457 -27.65 -28.56 27.20
N ASP A 458 -27.70 -29.68 27.91
CA ASP A 458 -27.63 -30.98 27.26
C ASP A 458 -28.72 -31.10 26.20
N LEU A 459 -28.33 -31.56 25.01
CA LEU A 459 -29.23 -31.68 23.87
C LEU A 459 -29.24 -33.11 23.36
N ASN A 460 -30.42 -33.58 22.97
CA ASN A 460 -30.59 -34.92 22.43
C ASN A 460 -31.73 -34.93 21.43
N PHE A 461 -31.46 -35.50 20.25
CA PHE A 461 -32.51 -35.80 19.29
C PHE A 461 -31.92 -36.69 18.19
N GLU A 462 -32.81 -37.30 17.42
CA GLU A 462 -32.40 -38.22 16.37
C GLU A 462 -33.20 -37.95 15.10
N VAL A 463 -32.55 -38.16 13.96
CA VAL A 463 -33.20 -38.13 12.66
C VAL A 463 -32.88 -39.47 12.01
N ARG A 464 -33.78 -40.44 12.16
CA ARG A 464 -33.44 -41.83 11.89
C ARG A 464 -33.21 -42.07 10.40
N SER A 465 -34.26 -41.88 9.58
CA SER A 465 -34.15 -42.18 8.16
C SER A 465 -35.35 -41.58 7.44
N GLY A 466 -35.08 -40.97 6.28
CA GLY A 466 -36.15 -40.40 5.48
C GLY A 466 -36.93 -39.31 6.18
N ALA A 467 -36.38 -38.73 7.24
CA ALA A 467 -37.07 -37.73 8.03
C ALA A 467 -36.52 -36.35 7.74
N ASN A 468 -37.41 -35.36 7.72
CA ASN A 468 -37.05 -33.97 7.46
C ASN A 468 -37.21 -33.15 8.73
N VAL A 469 -36.29 -32.21 8.94
CA VAL A 469 -36.29 -31.37 10.12
C VAL A 469 -36.29 -29.91 9.68
N LEU A 470 -37.14 -29.10 10.31
CA LEU A 470 -37.29 -27.69 9.98
C LEU A 470 -36.82 -26.85 11.14
N ILE A 471 -35.96 -25.87 10.85
CA ILE A 471 -35.42 -24.97 11.86
C ILE A 471 -36.20 -23.67 11.82
N CYS A 472 -36.70 -23.23 12.98
CA CYS A 472 -37.50 -22.03 13.08
C CYS A 472 -37.04 -21.21 14.27
N GLY A 473 -37.31 -19.91 14.22
CA GLY A 473 -36.99 -19.01 15.31
C GLY A 473 -36.46 -17.69 14.80
N PRO A 474 -36.08 -16.80 15.73
CA PRO A 474 -35.49 -15.52 15.34
C PRO A 474 -34.07 -15.70 14.81
N ASN A 475 -33.36 -14.59 14.56
CA ASN A 475 -31.97 -14.68 14.14
C ASN A 475 -31.24 -15.64 15.08
N GLY A 476 -30.76 -16.76 14.53
CA GLY A 476 -30.24 -17.83 15.37
C GLY A 476 -28.97 -17.47 16.11
N CYS A 477 -27.86 -17.36 15.37
CA CYS A 477 -26.52 -17.13 15.89
C CYS A 477 -26.00 -18.33 16.67
N GLY A 478 -26.78 -19.39 16.84
CA GLY A 478 -26.35 -20.58 17.54
C GLY A 478 -26.58 -21.84 16.72
N LYS A 479 -27.48 -21.77 15.75
CA LYS A 479 -27.68 -22.91 14.85
C LYS A 479 -26.46 -23.13 13.97
N SER A 480 -25.79 -22.04 13.57
CA SER A 480 -24.56 -22.18 12.79
C SER A 480 -23.58 -23.07 13.51
N SER A 481 -23.53 -22.99 14.84
CA SER A 481 -22.67 -23.88 15.60
C SER A 481 -23.10 -25.32 15.43
N LEU A 482 -24.40 -25.59 15.43
CA LEU A 482 -24.89 -26.95 15.22
C LEU A 482 -24.50 -27.47 13.84
N PHE A 483 -24.66 -26.64 12.81
CA PHE A 483 -24.32 -27.07 11.46
C PHE A 483 -22.82 -27.29 11.32
N ARG A 484 -22.00 -26.51 12.02
CA ARG A 484 -20.56 -26.66 11.91
C ARG A 484 -20.07 -27.91 12.63
N VAL A 485 -20.66 -28.25 13.77
CA VAL A 485 -20.29 -29.50 14.42
C VAL A 485 -20.80 -30.67 13.60
N LEU A 486 -21.87 -30.47 12.83
CA LEU A 486 -22.41 -31.54 12.01
C LEU A 486 -21.38 -32.02 10.99
N GLY A 487 -20.67 -31.09 10.36
CA GLY A 487 -19.68 -31.43 9.36
C GLY A 487 -18.26 -31.39 9.90
N GLU A 488 -18.08 -31.73 11.17
CA GLU A 488 -16.79 -31.81 11.83
C GLU A 488 -16.04 -30.48 11.85
N LEU A 489 -16.70 -29.38 11.47
CA LEU A 489 -16.00 -28.10 11.38
C LEU A 489 -15.57 -27.60 12.76
N TRP A 490 -16.34 -27.92 13.81
CA TRP A 490 -15.96 -27.54 15.16
C TRP A 490 -15.92 -28.77 16.07
N PRO A 491 -15.11 -28.74 17.13
CA PRO A 491 -14.93 -29.96 17.95
C PRO A 491 -16.18 -30.33 18.71
N LEU A 492 -16.25 -31.61 19.07
CA LEU A 492 -17.31 -32.11 19.94
C LEU A 492 -17.02 -31.71 21.38
N PHE A 493 -18.08 -31.59 22.17
CA PHE A 493 -17.99 -31.14 23.56
C PHE A 493 -18.65 -32.15 24.51
N GLY A 494 -18.41 -33.43 24.28
CA GLY A 494 -18.89 -34.47 25.15
C GLY A 494 -19.96 -35.32 24.49
N GLY A 495 -20.35 -36.37 25.22
CA GLY A 495 -21.35 -37.28 24.71
C GLY A 495 -20.81 -38.14 23.57
N ARG A 496 -21.74 -38.76 22.85
CA ARG A 496 -21.42 -39.58 21.70
C ARG A 496 -22.32 -39.16 20.54
N LEU A 497 -21.71 -39.06 19.36
CA LEU A 497 -22.41 -38.55 18.17
C LEU A 497 -22.07 -39.43 16.99
N THR A 498 -22.97 -39.44 16.00
CA THR A 498 -22.86 -40.29 14.83
C THR A 498 -22.87 -39.44 13.57
N LYS A 499 -22.01 -39.77 12.62
CA LYS A 499 -21.87 -39.03 11.38
C LYS A 499 -21.40 -39.96 10.28
N PRO A 500 -21.65 -39.62 9.02
CA PRO A 500 -20.99 -40.34 7.92
C PRO A 500 -19.60 -39.80 7.64
N GLU A 501 -18.95 -40.28 6.58
CA GLU A 501 -17.52 -40.01 6.36
C GLU A 501 -17.29 -38.70 5.61
N ARG A 502 -17.90 -37.61 6.07
CA ARG A 502 -17.60 -36.27 5.58
C ARG A 502 -18.04 -36.04 4.14
N GLY A 503 -18.53 -37.07 3.47
CA GLY A 503 -18.89 -36.95 2.07
C GLY A 503 -20.39 -37.00 1.84
N LYS A 504 -21.14 -37.29 2.90
CA LYS A 504 -22.58 -37.46 2.83
C LYS A 504 -23.35 -36.25 3.35
N LEU A 505 -22.66 -35.17 3.73
CA LEU A 505 -23.30 -33.96 4.22
C LEU A 505 -23.14 -32.84 3.20
N PHE A 506 -24.17 -31.99 3.12
CA PHE A 506 -24.20 -30.87 2.20
C PHE A 506 -24.69 -29.64 2.95
N TYR A 507 -24.37 -28.46 2.43
CA TYR A 507 -24.85 -27.22 3.02
C TYR A 507 -24.81 -26.14 1.95
N VAL A 508 -25.99 -25.69 1.53
CA VAL A 508 -26.10 -24.67 0.49
C VAL A 508 -26.57 -23.38 1.16
N PRO A 509 -25.75 -22.32 1.17
CA PRO A 509 -26.20 -21.04 1.74
C PRO A 509 -27.12 -20.28 0.81
N GLN A 510 -27.47 -19.04 1.19
CA GLN A 510 -28.35 -18.24 0.34
C GLN A 510 -27.78 -18.07 -1.06
N ARG A 511 -26.46 -17.90 -1.17
CA ARG A 511 -25.78 -17.85 -2.46
C ARG A 511 -24.74 -18.96 -2.51
N PRO A 512 -25.06 -20.11 -3.10
CA PRO A 512 -24.14 -21.26 -3.04
C PRO A 512 -22.77 -20.93 -3.65
N TYR A 513 -21.84 -21.84 -3.43
CA TYR A 513 -20.48 -21.68 -3.93
C TYR A 513 -20.43 -21.92 -5.44
N MET A 514 -19.80 -20.99 -6.16
CA MET A 514 -19.67 -21.06 -7.61
C MET A 514 -18.20 -20.97 -7.96
N THR A 515 -17.70 -21.97 -8.69
CA THR A 515 -16.29 -22.02 -9.04
C THR A 515 -16.05 -21.32 -10.37
N LEU A 516 -14.76 -21.08 -10.66
CA LEU A 516 -14.34 -20.51 -11.93
C LEU A 516 -14.02 -21.66 -12.89
N GLY A 517 -14.78 -21.77 -13.97
CA GLY A 517 -14.56 -22.83 -14.94
C GLY A 517 -15.84 -23.11 -15.71
N THR A 518 -15.84 -24.28 -16.35
CA THR A 518 -16.96 -24.68 -17.19
C THR A 518 -18.18 -25.04 -16.32
N LEU A 519 -19.35 -25.04 -16.95
CA LEU A 519 -20.57 -25.43 -16.26
C LEU A 519 -20.49 -26.87 -15.78
N ARG A 520 -19.81 -27.73 -16.53
CA ARG A 520 -19.61 -29.11 -16.06
C ARG A 520 -18.84 -29.14 -14.76
N ASP A 521 -17.86 -28.25 -14.58
CA ASP A 521 -17.19 -28.14 -13.30
C ASP A 521 -18.15 -27.68 -12.21
N GLN A 522 -19.04 -26.74 -12.54
CA GLN A 522 -19.97 -26.22 -11.53
C GLN A 522 -20.87 -27.33 -10.99
N VAL A 523 -21.37 -28.20 -11.86
CA VAL A 523 -22.26 -29.27 -11.44
C VAL A 523 -21.51 -30.50 -10.96
N ILE A 524 -20.21 -30.60 -11.23
CA ILE A 524 -19.40 -31.74 -10.82
C ILE A 524 -18.33 -31.24 -9.87
N TYR A 525 -18.64 -30.23 -9.07
CA TYR A 525 -17.65 -29.48 -8.31
C TYR A 525 -16.63 -30.35 -7.60
N PRO A 526 -17.02 -31.16 -6.61
CA PRO A 526 -16.02 -31.88 -5.82
C PRO A 526 -15.34 -33.03 -6.56
N ASP A 527 -15.70 -33.28 -7.81
CA ASP A 527 -15.17 -34.42 -8.56
C ASP A 527 -14.59 -33.94 -9.88
N GLY A 528 -13.58 -34.68 -10.36
CA GLY A 528 -13.02 -34.42 -11.67
C GLY A 528 -13.78 -35.14 -12.77
N ARG A 529 -13.42 -34.83 -14.01
CA ARG A 529 -14.05 -35.50 -15.14
C ARG A 529 -13.75 -37.00 -15.14
N GLU A 530 -12.51 -37.37 -14.81
CA GLU A 530 -12.17 -38.78 -14.69
C GLU A 530 -12.97 -39.44 -13.57
N ASP A 531 -13.25 -38.69 -12.49
CA ASP A 531 -14.11 -39.23 -11.44
C ASP A 531 -15.50 -39.53 -11.96
N GLN A 532 -16.04 -38.62 -12.79
CA GLN A 532 -17.35 -38.87 -13.40
C GLN A 532 -17.31 -40.11 -14.29
N LYS A 533 -16.25 -40.27 -15.08
CA LYS A 533 -16.11 -41.47 -15.90
C LYS A 533 -16.04 -42.72 -15.04
N ARG A 534 -15.41 -42.62 -13.86
CA ARG A 534 -15.40 -43.75 -12.94
C ARG A 534 -16.83 -44.11 -12.52
N LYS A 535 -17.66 -43.11 -12.23
CA LYS A 535 -19.05 -43.36 -11.89
C LYS A 535 -19.88 -43.72 -13.13
N GLY A 536 -19.38 -43.42 -14.33
CA GLY A 536 -20.09 -43.72 -15.54
C GLY A 536 -21.22 -42.78 -15.87
N ILE A 537 -21.33 -41.65 -15.17
CA ILE A 537 -22.42 -40.71 -15.41
C ILE A 537 -22.16 -40.05 -16.76
N SER A 538 -22.97 -40.42 -17.76
CA SER A 538 -22.85 -39.80 -19.08
C SER A 538 -23.42 -38.39 -19.04
N ASP A 539 -22.96 -37.57 -20.00
CA ASP A 539 -23.43 -36.19 -20.07
C ASP A 539 -24.93 -36.10 -20.24
N LEU A 540 -25.56 -37.14 -20.80
CA LEU A 540 -27.02 -37.12 -20.92
C LEU A 540 -27.69 -37.10 -19.57
N VAL A 541 -27.19 -37.90 -18.62
CA VAL A 541 -27.75 -37.90 -17.27
C VAL A 541 -27.50 -36.55 -16.61
N LEU A 542 -26.32 -35.96 -16.85
CA LEU A 542 -26.06 -34.61 -16.34
C LEU A 542 -27.07 -33.63 -16.90
N LYS A 543 -27.36 -33.71 -18.20
CA LYS A 543 -28.38 -32.84 -18.79
C LYS A 543 -29.74 -33.09 -18.15
N GLU A 544 -30.06 -34.35 -17.85
CA GLU A 544 -31.32 -34.65 -17.17
C GLU A 544 -31.39 -33.95 -15.82
N TYR A 545 -30.28 -33.98 -15.07
CA TYR A 545 -30.24 -33.24 -13.80
C TYR A 545 -30.44 -31.75 -14.05
N LEU A 546 -29.82 -31.21 -15.11
CA LEU A 546 -30.08 -29.84 -15.50
C LEU A 546 -31.53 -29.66 -15.92
N ASP A 547 -32.08 -30.64 -16.64
CA ASP A 547 -33.47 -30.54 -17.10
C ASP A 547 -34.44 -30.49 -15.92
N ASN A 548 -34.19 -31.29 -14.89
CA ASN A 548 -35.09 -31.33 -13.75
C ASN A 548 -35.20 -29.96 -13.08
N VAL A 549 -34.07 -29.27 -12.91
CA VAL A 549 -34.07 -27.92 -12.37
C VAL A 549 -34.36 -26.87 -13.44
N GLN A 550 -34.62 -27.28 -14.68
CA GLN A 550 -34.96 -26.37 -15.77
C GLN A 550 -33.82 -25.41 -16.10
N LEU A 551 -32.58 -25.88 -15.94
CA LEU A 551 -31.41 -25.10 -16.32
C LEU A 551 -30.79 -25.58 -17.62
N GLY A 552 -31.50 -26.43 -18.39
CA GLY A 552 -30.95 -26.91 -19.64
C GLY A 552 -30.73 -25.81 -20.66
N HIS A 553 -31.50 -24.73 -20.58
CA HIS A 553 -31.39 -23.65 -21.55
C HIS A 553 -30.06 -22.91 -21.43
N ILE A 554 -29.37 -23.02 -20.29
CA ILE A 554 -28.10 -22.34 -20.11
C ILE A 554 -27.04 -22.87 -21.08
N LEU A 555 -27.20 -24.11 -21.55
CA LEU A 555 -26.18 -24.70 -22.41
C LEU A 555 -25.92 -23.85 -23.64
N GLU A 556 -26.94 -23.16 -24.15
CA GLU A 556 -26.80 -22.33 -25.34
C GLU A 556 -26.42 -20.89 -25.01
N ARG A 557 -26.39 -20.51 -23.73
CA ARG A 557 -26.10 -19.13 -23.38
C ARG A 557 -24.68 -18.73 -23.78
N GLU A 558 -23.71 -19.61 -23.51
CA GLU A 558 -22.30 -19.31 -23.80
C GLU A 558 -21.66 -20.36 -24.69
N GLY A 559 -22.44 -21.13 -25.43
CA GLY A 559 -21.90 -22.06 -26.39
C GLY A 559 -21.41 -23.36 -25.79
N GLY A 560 -22.30 -24.12 -25.16
CA GLY A 560 -21.98 -25.46 -24.72
C GLY A 560 -21.35 -25.50 -23.33
N TRP A 561 -21.03 -26.73 -22.93
CA TRP A 561 -20.47 -26.96 -21.60
C TRP A 561 -19.10 -26.30 -21.46
N ASP A 562 -18.26 -26.41 -22.49
CA ASP A 562 -16.86 -26.03 -22.36
C ASP A 562 -16.66 -24.54 -22.07
N SER A 563 -17.69 -23.73 -22.26
CA SER A 563 -17.55 -22.29 -22.03
C SER A 563 -17.08 -22.02 -20.61
N VAL A 564 -16.06 -21.19 -20.50
CA VAL A 564 -15.46 -20.83 -19.20
C VAL A 564 -15.78 -19.38 -18.91
N GLN A 565 -16.38 -19.12 -17.75
CA GLN A 565 -16.77 -17.78 -17.37
C GLN A 565 -16.77 -17.67 -15.84
N ASP A 566 -16.76 -16.43 -15.36
CA ASP A 566 -16.83 -16.15 -13.93
C ASP A 566 -18.27 -16.36 -13.49
N TRP A 567 -18.60 -17.60 -13.13
CA TRP A 567 -19.98 -17.94 -12.78
C TRP A 567 -20.43 -17.33 -11.47
N MET A 568 -19.52 -16.70 -10.71
CA MET A 568 -19.92 -16.09 -9.46
C MET A 568 -20.97 -15.01 -9.66
N ASP A 569 -20.79 -14.17 -10.69
CA ASP A 569 -21.69 -13.06 -10.95
C ASP A 569 -22.48 -13.19 -12.25
N VAL A 570 -22.07 -14.08 -13.15
CA VAL A 570 -22.79 -14.22 -14.42
C VAL A 570 -24.24 -14.66 -14.17
N LEU A 571 -24.43 -15.64 -13.28
CA LEU A 571 -25.76 -16.14 -13.00
C LEU A 571 -26.46 -15.27 -11.96
N SER A 572 -27.77 -15.18 -12.10
CA SER A 572 -28.60 -14.55 -11.08
C SER A 572 -28.82 -15.52 -9.92
N GLY A 573 -29.23 -14.97 -8.78
CA GLY A 573 -29.44 -15.75 -7.58
C GLY A 573 -30.18 -17.04 -7.84
N GLY A 574 -31.41 -16.95 -8.37
CA GLY A 574 -32.22 -18.14 -8.54
C GLY A 574 -31.53 -19.22 -9.36
N GLU A 575 -30.81 -18.81 -10.41
CA GLU A 575 -30.06 -19.78 -11.20
C GLU A 575 -29.01 -20.47 -10.35
N LYS A 576 -28.33 -19.71 -9.48
CA LYS A 576 -27.27 -20.29 -8.66
C LYS A 576 -27.82 -21.36 -7.72
N GLN A 577 -28.94 -21.07 -7.05
CA GLN A 577 -29.51 -22.06 -6.14
C GLN A 577 -30.01 -23.28 -6.92
N ARG A 578 -30.60 -23.06 -8.09
CA ARG A 578 -31.09 -24.19 -8.87
C ARG A 578 -29.95 -25.11 -9.30
N MET A 579 -28.82 -24.53 -9.73
CA MET A 579 -27.67 -25.36 -10.06
C MET A 579 -27.10 -26.04 -8.82
N ALA A 580 -27.10 -25.35 -7.68
CA ALA A 580 -26.61 -25.95 -6.45
C ALA A 580 -27.42 -27.19 -6.09
N MET A 581 -28.74 -27.12 -6.23
CA MET A 581 -29.56 -28.29 -5.95
C MET A 581 -29.45 -29.32 -7.07
N ALA A 582 -29.15 -28.89 -8.29
CA ALA A 582 -28.80 -29.84 -9.34
C ALA A 582 -27.54 -30.61 -8.96
N ARG A 583 -26.55 -29.91 -8.39
CA ARG A 583 -25.37 -30.60 -7.86
C ARG A 583 -25.76 -31.56 -6.76
N LEU A 584 -26.67 -31.15 -5.87
CA LEU A 584 -27.17 -32.05 -4.84
C LEU A 584 -27.79 -33.29 -5.47
N PHE A 585 -28.63 -33.09 -6.49
CA PHE A 585 -29.24 -34.23 -7.18
C PHE A 585 -28.16 -35.15 -7.75
N TYR A 586 -27.16 -34.58 -8.42
CA TYR A 586 -26.12 -35.39 -9.03
C TYR A 586 -25.39 -36.23 -8.00
N HIS A 587 -25.20 -35.72 -6.79
CA HIS A 587 -24.42 -36.42 -5.79
C HIS A 587 -25.22 -37.47 -5.05
N LYS A 588 -26.50 -37.21 -4.80
CA LYS A 588 -27.37 -38.15 -4.10
C LYS A 588 -26.81 -38.49 -2.72
N PRO A 589 -26.49 -37.49 -1.90
CA PRO A 589 -25.95 -37.77 -0.55
C PRO A 589 -27.08 -38.20 0.39
N GLN A 590 -26.70 -38.41 1.65
CA GLN A 590 -27.65 -38.85 2.68
C GLN A 590 -28.33 -37.68 3.38
N PHE A 591 -27.57 -36.63 3.72
CA PHE A 591 -28.09 -35.51 4.48
C PHE A 591 -27.70 -34.21 3.78
N ALA A 592 -28.56 -33.20 3.92
CA ALA A 592 -28.32 -31.91 3.31
C ALA A 592 -28.97 -30.83 4.17
N ILE A 593 -28.46 -29.61 4.04
CA ILE A 593 -28.92 -28.46 4.80
C ILE A 593 -29.32 -27.37 3.82
N LEU A 594 -30.54 -26.86 3.98
CA LEU A 594 -31.08 -25.79 3.14
C LEU A 594 -31.17 -24.53 3.98
N ASP A 595 -30.09 -23.75 3.99
CA ASP A 595 -30.02 -22.54 4.80
C ASP A 595 -30.72 -21.41 4.03
N GLU A 596 -32.05 -21.48 4.07
CA GLU A 596 -32.91 -20.48 3.43
C GLU A 596 -32.35 -20.01 2.09
N CYS A 597 -32.11 -20.94 1.17
CA CYS A 597 -31.59 -20.60 -0.14
C CYS A 597 -32.68 -20.55 -1.21
N THR A 598 -33.68 -21.42 -1.10
CA THR A 598 -34.76 -21.48 -2.09
C THR A 598 -35.74 -20.31 -1.88
N SER A 599 -35.21 -19.11 -2.02
CA SER A 599 -35.99 -17.88 -1.88
C SER A 599 -36.30 -17.22 -3.21
N ALA A 600 -35.45 -17.41 -4.23
CA ALA A 600 -35.65 -16.85 -5.55
C ALA A 600 -36.15 -17.88 -6.56
N VAL A 601 -36.96 -18.84 -6.10
CA VAL A 601 -37.53 -19.85 -6.97
C VAL A 601 -39.01 -19.98 -6.67
N SER A 602 -39.76 -20.50 -7.65
CA SER A 602 -41.20 -20.60 -7.53
C SER A 602 -41.59 -21.73 -6.57
N VAL A 603 -42.85 -21.71 -6.14
CA VAL A 603 -43.34 -22.74 -5.23
C VAL A 603 -43.43 -24.08 -5.95
N ASP A 604 -43.83 -24.07 -7.22
CA ASP A 604 -44.01 -25.32 -7.95
C ASP A 604 -42.69 -26.09 -8.05
N VAL A 605 -41.60 -25.40 -8.37
CA VAL A 605 -40.31 -26.07 -8.48
C VAL A 605 -39.86 -26.58 -7.11
N GLU A 606 -40.14 -25.82 -6.04
CA GLU A 606 -39.79 -26.28 -4.70
C GLU A 606 -40.46 -27.61 -4.39
N GLY A 607 -41.78 -27.70 -4.60
CA GLY A 607 -42.46 -28.97 -4.40
C GLY A 607 -41.94 -30.05 -5.31
N TYR A 608 -41.59 -29.69 -6.54
CA TYR A 608 -41.08 -30.66 -7.50
C TYR A 608 -39.75 -31.23 -7.04
N ILE A 609 -38.85 -30.37 -6.55
CA ILE A 609 -37.56 -30.86 -6.05
C ILE A 609 -37.73 -31.61 -4.74
N TYR A 610 -38.62 -31.13 -3.86
CA TYR A 610 -38.87 -31.85 -2.61
C TYR A 610 -39.42 -33.25 -2.88
N SER A 611 -40.29 -33.38 -3.88
CA SER A 611 -40.80 -34.69 -4.24
C SER A 611 -39.68 -35.62 -4.69
N HIS A 612 -38.75 -35.11 -5.49
CA HIS A 612 -37.59 -35.92 -5.87
C HIS A 612 -36.78 -36.33 -4.65
N CYS A 613 -36.55 -35.40 -3.73
CA CYS A 613 -35.78 -35.72 -2.54
C CYS A 613 -36.46 -36.82 -1.73
N ARG A 614 -37.79 -36.72 -1.57
CA ARG A 614 -38.52 -37.76 -0.86
C ARG A 614 -38.41 -39.10 -1.57
N LYS A 615 -38.67 -39.11 -2.88
CA LYS A 615 -38.65 -40.36 -3.63
C LYS A 615 -37.25 -40.97 -3.65
N VAL A 616 -36.22 -40.14 -3.85
CA VAL A 616 -34.86 -40.66 -3.91
C VAL A 616 -34.46 -41.28 -2.58
N GLY A 617 -34.86 -40.65 -1.47
CA GLY A 617 -34.47 -41.08 -0.15
C GLY A 617 -33.47 -40.17 0.55
N ILE A 618 -33.22 -38.98 0.02
CA ILE A 618 -32.28 -38.05 0.62
C ILE A 618 -32.97 -37.34 1.78
N THR A 619 -32.49 -37.57 2.99
CA THR A 619 -32.94 -36.81 4.14
C THR A 619 -32.53 -35.36 3.98
N LEU A 620 -33.40 -34.45 4.44
CA LEU A 620 -33.22 -33.03 4.16
C LEU A 620 -33.53 -32.20 5.39
N PHE A 621 -32.70 -31.20 5.64
CA PHE A 621 -32.93 -30.21 6.69
C PHE A 621 -33.27 -28.88 6.02
N THR A 622 -34.33 -28.22 6.50
CA THR A 622 -34.83 -27.01 5.89
C THR A 622 -34.89 -25.89 6.92
N VAL A 623 -34.74 -24.65 6.45
CA VAL A 623 -34.78 -23.49 7.32
C VAL A 623 -35.75 -22.46 6.74
N SER A 624 -36.71 -22.95 5.95
CA SER A 624 -37.60 -22.05 5.22
C SER A 624 -38.51 -21.26 6.16
N HIS A 625 -39.19 -21.95 7.07
CA HIS A 625 -40.16 -21.42 8.03
C HIS A 625 -41.53 -21.17 7.38
N ARG A 626 -41.70 -21.40 6.08
CA ARG A 626 -42.97 -21.14 5.43
C ARG A 626 -44.00 -22.20 5.80
N LYS A 627 -45.28 -21.81 5.78
CA LYS A 627 -46.35 -22.68 6.25
C LYS A 627 -46.41 -23.97 5.45
N SER A 628 -46.33 -23.87 4.12
CA SER A 628 -46.35 -25.08 3.30
C SER A 628 -45.18 -25.98 3.65
N LEU A 629 -44.03 -25.39 3.95
CA LEU A 629 -42.87 -26.19 4.34
C LEU A 629 -43.06 -26.81 5.73
N TRP A 630 -43.81 -26.15 6.61
CA TRP A 630 -44.23 -26.82 7.85
C TRP A 630 -45.05 -28.05 7.54
N LYS A 631 -45.97 -27.94 6.58
CA LYS A 631 -46.79 -29.09 6.19
C LYS A 631 -45.95 -30.20 5.57
N HIS A 632 -44.83 -29.86 4.95
CA HIS A 632 -44.00 -30.82 4.25
C HIS A 632 -42.88 -31.38 5.11
N HIS A 633 -42.83 -31.03 6.39
CA HIS A 633 -41.78 -31.46 7.29
C HIS A 633 -42.40 -32.03 8.57
N GLU A 634 -41.83 -33.13 9.06
CA GLU A 634 -42.35 -33.77 10.27
C GLU A 634 -41.83 -33.07 11.53
N TYR A 635 -40.51 -33.11 11.73
CA TYR A 635 -39.91 -32.58 12.94
C TYR A 635 -39.70 -31.07 12.80
N TYR A 636 -39.33 -30.43 13.91
CA TYR A 636 -39.06 -29.00 13.91
C TYR A 636 -38.22 -28.64 15.12
N LEU A 637 -37.39 -27.63 14.96
CA LEU A 637 -36.54 -27.11 16.02
C LEU A 637 -36.82 -25.63 16.20
N HIS A 638 -37.01 -25.19 17.45
CA HIS A 638 -37.27 -23.81 17.78
C HIS A 638 -36.36 -23.35 18.90
N MET A 639 -35.79 -22.16 18.74
CA MET A 639 -34.89 -21.58 19.74
C MET A 639 -35.36 -20.18 20.08
N ASP A 640 -35.30 -19.84 21.37
CA ASP A 640 -35.74 -18.54 21.86
C ASP A 640 -34.64 -17.51 21.93
N GLY A 641 -33.40 -17.88 21.57
CA GLY A 641 -32.28 -16.97 21.66
C GLY A 641 -31.63 -16.89 23.03
N ARG A 642 -32.17 -17.60 24.02
CA ARG A 642 -31.60 -17.65 25.35
C ARG A 642 -31.14 -19.04 25.75
N GLY A 643 -31.40 -20.05 24.91
CA GLY A 643 -30.97 -21.41 25.18
C GLY A 643 -32.13 -22.34 25.46
N ASN A 644 -32.55 -23.07 24.42
CA ASN A 644 -33.63 -24.04 24.51
C ASN A 644 -33.79 -24.70 23.15
N TYR A 645 -34.44 -25.85 23.14
CA TYR A 645 -34.71 -26.56 21.88
C TYR A 645 -35.90 -27.47 22.08
N GLU A 646 -36.74 -27.57 21.05
CA GLU A 646 -37.92 -28.41 21.06
C GLU A 646 -37.82 -29.43 19.92
N PHE A 647 -38.07 -30.69 20.26
CA PHE A 647 -37.98 -31.78 19.28
C PHE A 647 -39.11 -32.76 19.54
N LYS A 648 -40.03 -32.88 18.58
CA LYS A 648 -41.17 -33.77 18.70
C LYS A 648 -41.55 -34.26 17.31
N GLN A 649 -42.54 -35.17 17.27
CA GLN A 649 -42.95 -35.77 16.01
C GLN A 649 -43.46 -34.72 15.03
N ILE A 650 -44.56 -34.06 15.38
CA ILE A 650 -45.18 -33.04 14.52
C ILE A 650 -45.94 -32.07 15.41
N THR A 651 -46.30 -30.92 14.84
CA THR A 651 -47.11 -29.92 15.52
C THR A 651 -48.50 -29.89 14.88
N GLU A 652 -49.54 -29.91 15.72
CA GLU A 652 -50.90 -29.94 15.21
C GLU A 652 -51.21 -28.68 14.40
N ASP A 653 -50.97 -27.51 14.97
CA ASP A 653 -51.22 -26.24 14.29
C ASP A 653 -50.02 -25.32 14.31
N THR A 654 -49.26 -25.29 15.40
CA THR A 654 -48.11 -24.40 15.53
C THR A 654 -47.40 -24.73 16.83
N VAL A 655 -46.24 -24.09 17.04
CA VAL A 655 -45.47 -24.29 18.25
C VAL A 655 -46.29 -23.92 19.47
N ALA B 57 -1.14 10.90 -18.44
CA ALA B 57 0.22 11.37 -18.21
C ALA B 57 1.01 11.41 -19.51
N VAL B 58 0.71 12.38 -20.35
CA VAL B 58 1.37 12.57 -21.64
C VAL B 58 1.80 14.02 -21.76
N VAL B 59 3.03 14.23 -22.25
CA VAL B 59 3.61 15.56 -22.34
C VAL B 59 3.12 16.23 -23.61
N ASP B 60 2.47 17.39 -23.47
CA ASP B 60 2.01 18.19 -24.59
C ASP B 60 2.25 19.65 -24.25
N LYS B 61 1.63 20.55 -25.02
CA LYS B 61 1.66 21.96 -24.67
C LYS B 61 0.74 22.27 -23.49
N VAL B 62 -0.36 21.54 -23.34
CA VAL B 62 -1.23 21.75 -22.19
C VAL B 62 -0.48 21.42 -20.90
N PHE B 63 0.28 20.33 -20.91
CA PHE B 63 1.07 19.98 -19.73
C PHE B 63 1.97 21.14 -19.33
N PHE B 64 2.72 21.69 -20.28
CA PHE B 64 3.62 22.79 -19.96
C PHE B 64 2.85 24.01 -19.50
N SER B 65 1.73 24.31 -20.15
CA SER B 65 0.92 25.46 -19.72
C SER B 65 0.45 25.29 -18.28
N ARG B 66 -0.02 24.09 -17.94
CA ARG B 66 -0.49 23.83 -16.58
C ARG B 66 0.64 23.98 -15.58
N LEU B 67 1.85 23.53 -15.92
CA LEU B 67 2.99 23.76 -15.05
C LEU B 67 3.22 25.25 -14.85
N ILE B 68 3.09 26.03 -15.93
CA ILE B 68 3.34 27.48 -15.83
C ILE B 68 2.38 28.11 -14.82
N GLN B 69 1.10 27.76 -14.89
CA GLN B 69 0.14 28.30 -13.92
C GLN B 69 0.51 27.88 -12.50
N ILE B 70 0.71 26.58 -12.29
CA ILE B 70 0.99 26.10 -10.94
C ILE B 70 2.24 26.77 -10.38
N LEU B 71 3.29 26.87 -11.20
CA LEU B 71 4.51 27.52 -10.74
C LEU B 71 4.30 29.00 -10.48
N LYS B 72 3.39 29.64 -11.23
CA LYS B 72 3.08 31.04 -10.96
C LYS B 72 2.49 31.20 -9.57
N ILE B 73 1.61 30.28 -9.15
CA ILE B 73 1.14 30.25 -7.77
C ILE B 73 2.30 30.01 -6.82
N MET B 74 3.25 29.18 -7.21
CA MET B 74 4.37 28.83 -6.34
C MET B 74 5.49 29.87 -6.34
N VAL B 75 5.49 30.79 -7.30
CA VAL B 75 6.47 31.87 -7.34
C VAL B 75 5.72 33.18 -7.51
N PRO B 76 5.14 33.73 -6.43
CA PRO B 76 4.27 34.90 -6.61
C PRO B 76 5.00 36.15 -7.05
N ARG B 77 6.17 36.41 -6.49
CA ARG B 77 6.89 37.66 -6.70
C ARG B 77 8.22 37.39 -7.38
N THR B 78 9.03 38.46 -7.51
CA THR B 78 10.38 38.36 -8.02
C THR B 78 11.43 38.58 -6.93
N PHE B 79 11.00 39.01 -5.74
CA PHE B 79 11.92 39.29 -4.62
C PHE B 79 11.52 38.50 -3.38
N CYS B 80 10.99 37.29 -3.56
CA CYS B 80 10.61 36.45 -2.45
C CYS B 80 11.80 35.61 -2.00
N LYS B 81 11.56 34.61 -1.16
CA LYS B 81 12.62 33.70 -0.76
C LYS B 81 12.80 32.54 -1.74
N GLU B 82 11.77 32.22 -2.53
CA GLU B 82 11.92 31.17 -3.52
C GLU B 82 12.91 31.57 -4.61
N THR B 83 12.89 32.83 -5.04
CA THR B 83 13.87 33.30 -6.00
C THR B 83 15.26 33.33 -5.39
N GLY B 84 15.36 33.62 -4.09
CA GLY B 84 16.66 33.55 -3.43
C GLY B 84 17.24 32.15 -3.45
N TYR B 85 16.42 31.15 -3.17
CA TYR B 85 16.89 29.77 -3.22
C TYR B 85 17.21 29.35 -4.64
N LEU B 86 16.46 29.86 -5.62
CA LEU B 86 16.71 29.48 -7.01
C LEU B 86 18.06 29.98 -7.49
N VAL B 87 18.40 31.24 -7.19
CA VAL B 87 19.71 31.76 -7.57
C VAL B 87 20.80 31.07 -6.78
N LEU B 88 20.54 30.78 -5.51
CA LEU B 88 21.50 30.02 -4.71
C LEU B 88 21.78 28.67 -5.34
N ILE B 89 20.74 27.98 -5.81
CA ILE B 89 20.93 26.67 -6.42
C ILE B 89 21.71 26.81 -7.72
N ALA B 90 21.37 27.80 -8.53
CA ALA B 90 22.07 27.97 -9.81
C ALA B 90 23.54 28.25 -9.61
N VAL B 91 23.87 29.10 -8.63
CA VAL B 91 25.28 29.39 -8.35
C VAL B 91 26.01 28.14 -7.87
N MET B 92 25.36 27.35 -7.02
CA MET B 92 26.01 26.14 -6.51
C MET B 92 26.11 25.06 -7.57
N LEU B 93 25.19 25.04 -8.54
CA LEU B 93 25.31 24.11 -9.65
C LEU B 93 26.55 24.40 -10.48
N VAL B 94 26.81 25.68 -10.75
CA VAL B 94 28.00 26.06 -11.50
C VAL B 94 29.25 25.77 -10.69
N SER B 95 29.24 26.11 -9.40
CA SER B 95 30.41 25.85 -8.57
C SER B 95 30.68 24.36 -8.45
N ARG B 96 29.62 23.55 -8.34
CA ARG B 96 29.80 22.11 -8.24
C ARG B 96 30.44 21.54 -9.50
N THR B 97 30.04 22.06 -10.66
CA THR B 97 30.66 21.61 -11.91
C THR B 97 32.14 21.97 -11.95
N TYR B 98 32.48 23.19 -11.56
CA TYR B 98 33.89 23.60 -11.56
C TYR B 98 34.70 22.77 -10.57
N CYS B 99 34.14 22.49 -9.39
CA CYS B 99 34.86 21.69 -8.41
C CYS B 99 35.15 20.30 -8.93
N ASP B 100 34.19 19.71 -9.67
CA ASP B 100 34.40 18.37 -10.20
C ASP B 100 35.52 18.33 -11.22
N VAL B 101 35.58 19.34 -12.11
CA VAL B 101 36.63 19.37 -13.12
C VAL B 101 37.99 19.66 -12.47
N TRP B 102 38.00 20.48 -11.41
CA TRP B 102 39.25 20.74 -10.71
C TRP B 102 39.78 19.48 -10.04
N MET B 103 38.90 18.67 -9.45
CA MET B 103 39.32 17.40 -8.87
C MET B 103 39.89 16.47 -9.95
N ILE B 104 39.28 16.46 -11.14
CA ILE B 104 39.80 15.67 -12.24
C ILE B 104 41.22 16.12 -12.58
N GLN B 105 41.43 17.43 -12.64
CA GLN B 105 42.74 17.97 -12.99
C GLN B 105 43.77 17.71 -11.90
N ASN B 106 43.36 17.78 -10.63
CA ASN B 106 44.31 17.64 -9.53
C ASN B 106 44.64 16.19 -9.24
N GLY B 107 43.69 15.28 -9.43
CA GLY B 107 43.96 13.88 -9.16
C GLY B 107 45.09 13.33 -10.00
N THR B 108 45.11 13.69 -11.28
CA THR B 108 46.17 13.21 -12.17
C THR B 108 47.53 13.80 -11.80
N LEU B 109 47.55 14.98 -11.21
CA LEU B 109 48.81 15.58 -10.78
C LEU B 109 49.33 14.90 -9.51
N ILE B 110 48.45 14.50 -8.60
CA ILE B 110 48.89 13.72 -7.45
C ILE B 110 49.46 12.39 -7.90
N GLU B 111 48.78 11.73 -8.85
CA GLU B 111 49.20 10.41 -9.29
C GLU B 111 50.48 10.47 -10.12
N SER B 112 50.68 11.53 -10.89
CA SER B 112 51.95 11.71 -11.58
C SER B 112 53.08 11.96 -10.60
N GLY B 113 52.79 12.64 -9.48
CA GLY B 113 53.80 12.80 -8.45
C GLY B 113 54.18 11.47 -7.81
N ILE B 114 53.18 10.63 -7.53
CA ILE B 114 53.46 9.32 -6.95
C ILE B 114 54.25 8.46 -7.93
N ILE B 115 53.80 8.43 -9.19
CA ILE B 115 54.44 7.59 -10.19
C ILE B 115 55.85 8.08 -10.48
N GLY B 116 56.06 9.39 -10.47
CA GLY B 116 57.37 9.95 -10.70
C GLY B 116 58.33 9.78 -9.54
N ARG B 117 57.89 9.17 -8.44
CA ARG B 117 58.72 8.99 -7.26
C ARG B 117 59.25 10.32 -6.74
N SER B 118 58.42 11.36 -6.86
CA SER B 118 58.75 12.70 -6.42
C SER B 118 57.91 13.03 -5.20
N ARG B 119 58.56 13.14 -4.04
CA ARG B 119 57.83 13.51 -2.83
C ARG B 119 57.42 14.99 -2.86
N LYS B 120 58.15 15.83 -3.59
CA LYS B 120 57.82 17.24 -3.65
C LYS B 120 56.48 17.46 -4.36
N ASP B 121 56.31 16.87 -5.54
CA ASP B 121 55.07 17.04 -6.28
C ASP B 121 53.91 16.34 -5.57
N PHE B 122 54.15 15.16 -5.03
CA PHE B 122 53.09 14.45 -4.31
C PHE B 122 52.56 15.30 -3.16
N LYS B 123 53.47 15.79 -2.31
CA LYS B 123 53.04 16.58 -1.16
C LYS B 123 52.40 17.89 -1.59
N ARG B 124 52.95 18.53 -2.62
CA ARG B 124 52.40 19.80 -3.08
C ARG B 124 50.94 19.65 -3.48
N TYR B 125 50.63 18.67 -4.34
CA TYR B 125 49.28 18.52 -4.87
C TYR B 125 48.36 17.83 -3.87
N LEU B 126 48.89 16.95 -3.01
CA LEU B 126 48.05 16.40 -1.94
C LEU B 126 47.57 17.50 -1.00
N LEU B 127 48.46 18.43 -0.67
CA LEU B 127 48.07 19.53 0.22
C LEU B 127 47.12 20.49 -0.48
N ASN B 128 47.24 20.65 -1.79
CA ASN B 128 46.25 21.42 -2.54
C ASN B 128 44.88 20.78 -2.44
N PHE B 129 44.82 19.46 -2.53
CA PHE B 129 43.56 18.74 -2.40
C PHE B 129 43.00 18.86 -0.99
N ILE B 130 43.87 18.74 0.03
CA ILE B 130 43.40 18.85 1.41
C ILE B 130 42.90 20.26 1.70
N ALA B 131 43.63 21.27 1.24
CA ALA B 131 43.23 22.65 1.53
C ALA B 131 41.93 23.02 0.81
N ALA B 132 41.66 22.41 -0.34
CA ALA B 132 40.42 22.64 -1.07
C ALA B 132 39.33 21.64 -0.68
N MET B 133 39.61 20.74 0.26
CA MET B 133 38.62 19.74 0.65
C MET B 133 37.37 20.38 1.27
N PRO B 134 37.48 21.27 2.26
CA PRO B 134 36.25 21.84 2.84
C PRO B 134 35.39 22.60 1.87
N LEU B 135 35.99 23.30 0.90
CA LEU B 135 35.20 24.11 -0.02
C LEU B 135 34.29 23.23 -0.88
N ILE B 136 34.78 22.06 -1.29
CA ILE B 136 33.96 21.18 -2.12
C ILE B 136 32.76 20.66 -1.33
N SER B 137 32.96 20.33 -0.06
CA SER B 137 31.85 19.88 0.77
C SER B 137 30.79 20.95 0.93
N LEU B 138 31.21 22.20 1.14
CA LEU B 138 30.27 23.31 1.21
C LEU B 138 29.50 23.44 -0.10
N VAL B 139 30.21 23.38 -1.22
CA VAL B 139 29.58 23.60 -2.52
C VAL B 139 28.56 22.51 -2.81
N ASN B 140 28.83 21.28 -2.39
CA ASN B 140 27.91 20.18 -2.67
C ASN B 140 26.74 20.16 -1.69
N ASN B 141 27.04 20.34 -0.40
CA ASN B 141 25.99 20.27 0.62
C ASN B 141 25.14 21.53 0.66
N PHE B 142 25.70 22.69 0.33
CA PHE B 142 24.88 23.89 0.22
C PHE B 142 23.92 23.78 -0.95
N LEU B 143 24.31 23.06 -2.00
CA LEU B 143 23.38 22.77 -3.09
C LEU B 143 22.24 21.88 -2.61
N LYS B 144 22.55 20.82 -1.87
CA LYS B 144 21.51 19.92 -1.36
C LYS B 144 20.58 20.66 -0.42
N TYR B 145 21.14 21.49 0.47
CA TYR B 145 20.31 22.25 1.39
C TYR B 145 19.39 23.20 0.63
N GLY B 146 19.91 23.86 -0.40
CA GLY B 146 19.08 24.75 -1.18
C GLY B 146 17.94 24.03 -1.88
N LEU B 147 18.22 22.84 -2.41
CA LEU B 147 17.17 22.06 -3.08
C LEU B 147 16.09 21.64 -2.09
N ASN B 148 16.50 21.17 -0.90
CA ASN B 148 15.51 20.75 0.10
C ASN B 148 14.63 21.92 0.53
N GLU B 149 15.23 23.09 0.75
CA GLU B 149 14.45 24.25 1.15
C GLU B 149 13.50 24.70 0.05
N LEU B 150 13.92 24.60 -1.21
CA LEU B 150 13.04 24.99 -2.31
C LEU B 150 11.83 24.06 -2.39
N LYS B 151 12.04 22.76 -2.17
CA LYS B 151 10.92 21.83 -2.12
C LYS B 151 9.96 22.19 -1.00
N LEU B 152 10.49 22.50 0.18
CA LEU B 152 9.65 22.81 1.33
C LEU B 152 8.91 24.14 1.14
N CYS B 153 9.59 25.14 0.58
CA CYS B 153 8.92 26.40 0.28
C CYS B 153 7.82 26.20 -0.76
N PHE B 154 8.09 25.39 -1.78
CA PHE B 154 7.07 25.08 -2.77
C PHE B 154 5.85 24.43 -2.11
N ARG B 155 6.08 23.47 -1.22
CA ARG B 155 4.98 22.78 -0.56
C ARG B 155 4.13 23.76 0.25
N VAL B 156 4.78 24.64 1.01
CA VAL B 156 4.05 25.57 1.86
C VAL B 156 3.21 26.53 1.02
N ARG B 157 3.78 27.03 -0.08
CA ARG B 157 3.05 27.96 -0.93
C ARG B 157 1.82 27.28 -1.55
N LEU B 158 2.01 26.08 -2.11
CA LEU B 158 0.90 25.39 -2.76
C LEU B 158 -0.18 25.02 -1.75
N THR B 159 0.22 24.52 -0.57
CA THR B 159 -0.76 24.12 0.44
C THR B 159 -1.58 25.32 0.91
N LYS B 160 -0.93 26.47 1.11
CA LYS B 160 -1.66 27.66 1.52
C LYS B 160 -2.69 28.06 0.48
N TYR B 161 -2.30 28.02 -0.80
CA TYR B 161 -3.23 28.40 -1.86
C TYR B 161 -4.40 27.42 -1.96
N LEU B 162 -4.10 26.12 -1.91
CA LEU B 162 -5.16 25.12 -2.05
C LEU B 162 -6.15 25.20 -0.89
N TYR B 163 -5.64 25.33 0.34
CA TYR B 163 -6.54 25.31 1.50
C TYR B 163 -7.30 26.60 1.65
N GLU B 164 -6.75 27.72 1.19
CA GLU B 164 -7.53 28.96 1.18
C GLU B 164 -8.73 28.82 0.25
N GLU B 165 -8.53 28.21 -0.91
CA GLU B 165 -9.64 27.97 -1.85
C GLU B 165 -10.56 26.87 -1.35
N TYR B 166 -10.05 25.97 -0.51
CA TYR B 166 -10.78 24.77 -0.14
C TYR B 166 -11.75 25.01 1.01
N LEU B 167 -11.27 25.63 2.08
CA LEU B 167 -12.10 25.88 3.27
C LEU B 167 -12.84 27.20 3.07
N GLN B 168 -13.88 27.16 2.24
CA GLN B 168 -14.63 28.36 1.91
C GLN B 168 -16.02 27.97 1.42
N ALA B 169 -17.04 28.29 2.22
CA ALA B 169 -18.43 28.20 1.79
C ALA B 169 -18.80 26.78 1.35
N PHE B 170 -18.72 25.85 2.30
CA PHE B 170 -19.14 24.47 2.12
C PHE B 170 -18.35 23.74 1.04
N THR B 171 -17.31 24.35 0.49
CA THR B 171 -16.57 23.70 -0.60
C THR B 171 -15.96 22.39 -0.13
N TYR B 172 -15.45 22.34 1.11
CA TYR B 172 -15.00 21.08 1.67
C TYR B 172 -16.13 20.06 1.71
N TYR B 173 -17.34 20.49 2.05
CA TYR B 173 -18.48 19.58 2.09
C TYR B 173 -18.90 19.15 0.70
N LYS B 174 -19.04 20.11 -0.22
CA LYS B 174 -19.52 19.80 -1.56
C LYS B 174 -18.57 18.87 -2.29
N MET B 175 -17.26 19.01 -2.04
CA MET B 175 -16.28 18.26 -2.80
C MET B 175 -16.52 16.75 -2.73
N GLY B 176 -17.05 16.26 -1.61
CA GLY B 176 -17.24 14.84 -1.43
C GLY B 176 -18.70 14.42 -1.40
N ASN B 177 -19.55 15.30 -0.89
CA ASN B 177 -20.97 14.99 -0.71
C ASN B 177 -21.87 15.75 -1.69
N LEU B 178 -21.29 16.44 -2.66
CA LEU B 178 -22.08 17.05 -3.73
C LEU B 178 -21.49 16.85 -5.11
N ASP B 179 -20.23 16.41 -5.24
CA ASP B 179 -19.64 16.06 -6.51
C ASP B 179 -19.00 14.68 -6.41
N ASN B 180 -18.47 14.21 -7.54
CA ASN B 180 -17.76 12.93 -7.56
C ASN B 180 -16.49 13.00 -8.41
N ARG B 181 -16.09 14.18 -8.88
CA ARG B 181 -14.93 14.27 -9.76
C ARG B 181 -13.62 14.01 -9.04
N ILE B 182 -13.58 14.16 -7.71
CA ILE B 182 -12.44 13.74 -6.91
C ILE B 182 -12.95 12.90 -5.74
N ALA B 183 -12.31 11.76 -5.51
CA ALA B 183 -12.49 11.02 -4.28
C ALA B 183 -11.28 11.26 -3.37
N ASN B 184 -11.41 10.82 -2.12
CA ASN B 184 -10.40 10.98 -1.08
C ASN B 184 -9.69 12.34 -1.20
N PRO B 185 -10.41 13.45 -1.03
CA PRO B 185 -9.77 14.76 -1.19
C PRO B 185 -8.59 14.99 -0.25
N ASP B 186 -8.61 14.42 0.95
CA ASP B 186 -7.50 14.62 1.88
C ASP B 186 -6.21 14.06 1.32
N GLN B 187 -6.27 12.89 0.69
CA GLN B 187 -5.07 12.30 0.10
C GLN B 187 -4.50 13.20 -0.98
N LEU B 188 -5.37 13.77 -1.82
CA LEU B 188 -4.90 14.63 -2.90
C LEU B 188 -4.38 15.96 -2.38
N LEU B 189 -4.98 16.49 -1.32
CA LEU B 189 -4.55 17.77 -0.79
C LEU B 189 -3.25 17.67 0.00
N THR B 190 -2.96 16.50 0.57
CA THR B 190 -1.78 16.31 1.42
C THR B 190 -0.64 15.61 0.69
N GLN B 191 -0.89 14.40 0.18
CA GLN B 191 0.20 13.60 -0.39
C GLN B 191 0.61 14.12 -1.77
N ASP B 192 -0.35 14.50 -2.60
CA ASP B 192 -0.01 14.91 -3.96
C ASP B 192 0.77 16.22 -3.98
N VAL B 193 0.49 17.11 -3.03
CA VAL B 193 1.22 18.39 -2.99
C VAL B 193 2.69 18.13 -2.66
N GLU B 194 2.96 17.30 -1.66
CA GLU B 194 4.35 16.99 -1.32
C GLU B 194 5.05 16.30 -2.49
N LYS B 195 4.39 15.30 -3.09
CA LYS B 195 5.01 14.57 -4.19
C LYS B 195 5.25 15.48 -5.38
N PHE B 196 4.31 16.36 -5.68
CA PHE B 196 4.47 17.24 -6.84
C PHE B 196 5.62 18.21 -6.63
N CYS B 197 5.73 18.81 -5.45
CA CYS B 197 6.82 19.73 -5.18
C CYS B 197 8.16 19.02 -5.25
N ASN B 198 8.24 17.81 -4.68
CA ASN B 198 9.49 17.06 -4.75
C ASN B 198 9.84 16.72 -6.20
N SER B 199 8.85 16.32 -7.00
CA SER B 199 9.11 15.90 -8.37
C SER B 199 9.59 17.06 -9.24
N VAL B 200 8.97 18.23 -9.10
CA VAL B 200 9.35 19.37 -9.93
C VAL B 200 10.77 19.82 -9.60
N VAL B 201 11.12 19.87 -8.32
CA VAL B 201 12.46 20.29 -7.93
C VAL B 201 13.50 19.25 -8.32
N ASP B 202 13.16 17.96 -8.16
CA ASP B 202 14.09 16.91 -8.55
C ASP B 202 14.35 16.94 -10.05
N LEU B 203 13.32 17.18 -10.85
CA LEU B 203 13.51 17.29 -12.30
C LEU B 203 14.42 18.48 -12.62
N TYR B 204 14.18 19.62 -11.98
CA TYR B 204 15.02 20.79 -12.21
C TYR B 204 16.47 20.50 -11.91
N SER B 205 16.75 19.94 -10.73
CA SER B 205 18.13 19.67 -10.34
C SER B 205 18.78 18.64 -11.26
N ASN B 206 18.05 17.57 -11.57
CA ASN B 206 18.62 16.46 -12.34
C ASN B 206 18.72 16.75 -13.83
N LEU B 207 18.08 17.81 -14.33
CA LEU B 207 18.29 18.27 -15.69
C LEU B 207 19.30 19.40 -15.77
N SER B 208 19.55 20.10 -14.66
CA SER B 208 20.49 21.22 -14.65
C SER B 208 21.92 20.78 -14.35
N LYS B 209 22.10 19.70 -13.60
CA LYS B 209 23.45 19.23 -13.29
C LYS B 209 24.06 18.52 -14.49
N PRO B 210 23.42 17.50 -15.06
CA PRO B 210 24.00 16.86 -16.25
C PRO B 210 24.21 17.81 -17.41
N PHE B 211 23.31 18.77 -17.62
CA PHE B 211 23.46 19.69 -18.74
C PHE B 211 24.76 20.47 -18.63
N LEU B 212 25.04 21.03 -17.45
CA LEU B 212 26.28 21.78 -17.28
C LEU B 212 27.50 20.88 -17.40
N ASP B 213 27.43 19.67 -16.83
CA ASP B 213 28.55 18.75 -16.91
C ASP B 213 28.87 18.41 -18.36
N ILE B 214 27.85 18.10 -19.15
CA ILE B 214 28.08 17.73 -20.54
C ILE B 214 28.67 18.89 -21.32
N VAL B 215 28.14 20.11 -21.09
CA VAL B 215 28.64 21.28 -21.80
C VAL B 215 30.12 21.50 -21.49
N LEU B 216 30.47 21.46 -20.22
CA LEU B 216 31.86 21.74 -19.82
C LEU B 216 32.80 20.67 -20.36
N TYR B 217 32.42 19.40 -20.24
CA TYR B 217 33.32 18.32 -20.63
C TYR B 217 33.43 18.22 -22.15
N ILE B 218 32.35 18.47 -22.88
CA ILE B 218 32.45 18.49 -24.34
C ILE B 218 33.34 19.65 -24.79
N PHE B 219 33.20 20.81 -24.15
CA PHE B 219 34.04 21.95 -24.52
C PHE B 219 35.51 21.65 -24.28
N LYS B 220 35.83 21.02 -23.15
CA LYS B 220 37.24 20.73 -22.84
C LYS B 220 37.79 19.64 -23.76
N LEU B 221 36.98 18.64 -24.08
CA LEU B 221 37.45 17.56 -24.94
C LEU B 221 37.58 18.02 -26.38
N THR B 222 36.80 19.00 -26.80
CA THR B 222 36.94 19.54 -28.15
C THR B 222 38.35 20.05 -28.39
N SER B 223 39.05 20.48 -27.34
CA SER B 223 40.42 20.94 -27.44
C SER B 223 41.42 19.82 -27.12
N ALA B 224 41.12 19.01 -26.10
CA ALA B 224 42.05 17.96 -25.70
C ALA B 224 42.15 16.87 -26.76
N ILE B 225 41.02 16.43 -27.30
CA ILE B 225 40.99 15.37 -28.28
C ILE B 225 40.56 15.84 -29.67
N GLY B 226 39.87 16.97 -29.76
CA GLY B 226 39.28 17.40 -31.01
C GLY B 226 37.80 17.07 -31.07
N ALA B 227 37.10 17.75 -31.97
CA ALA B 227 35.66 17.56 -32.09
C ALA B 227 35.29 16.12 -32.43
N GLN B 228 36.22 15.35 -33.00
CA GLN B 228 35.88 13.99 -33.41
C GLN B 228 35.64 13.07 -32.23
N GLY B 229 36.33 13.31 -31.12
CA GLY B 229 36.24 12.43 -29.98
C GLY B 229 34.87 12.44 -29.33
N PRO B 230 34.46 13.60 -28.81
CA PRO B 230 33.12 13.68 -28.20
C PRO B 230 32.00 13.32 -29.16
N ALA B 231 32.12 13.71 -30.42
CA ALA B 231 31.07 13.40 -31.39
C ALA B 231 30.94 11.90 -31.60
N SER B 232 32.09 11.22 -31.77
CA SER B 232 32.04 9.77 -32.00
C SER B 232 31.53 9.03 -30.77
N MET B 233 31.93 9.46 -29.57
CA MET B 233 31.45 8.80 -28.36
C MET B 233 29.96 8.99 -28.19
N MET B 234 29.46 10.22 -28.38
CA MET B 234 28.04 10.47 -28.26
C MET B 234 27.25 9.72 -29.33
N ALA B 235 27.79 9.66 -30.55
CA ALA B 235 27.11 8.94 -31.63
C ALA B 235 26.95 7.47 -31.29
N TYR B 236 28.02 6.84 -30.77
CA TYR B 236 27.92 5.44 -30.38
C TYR B 236 26.92 5.25 -29.24
N LEU B 237 26.97 6.13 -28.24
CA LEU B 237 26.08 5.97 -27.10
C LEU B 237 24.62 6.08 -27.51
N VAL B 238 24.31 7.03 -28.41
CA VAL B 238 22.94 7.17 -28.89
C VAL B 238 22.52 5.94 -29.68
N VAL B 239 23.38 5.47 -30.59
CA VAL B 239 23.02 4.33 -31.43
C VAL B 239 22.86 3.08 -30.59
N SER B 240 23.77 2.84 -29.65
CA SER B 240 23.65 1.67 -28.79
C SER B 240 22.38 1.74 -27.96
N GLY B 241 22.05 2.91 -27.43
CA GLY B 241 20.84 3.03 -26.64
C GLY B 241 19.60 2.73 -27.44
N LEU B 242 19.53 3.26 -28.67
CA LEU B 242 18.40 2.95 -29.54
C LEU B 242 18.33 1.46 -29.84
N PHE B 243 19.47 0.85 -30.16
CA PHE B 243 19.48 -0.57 -30.50
C PHE B 243 19.04 -1.43 -29.32
N LEU B 244 19.53 -1.11 -28.12
CA LEU B 244 19.16 -1.90 -26.95
C LEU B 244 17.71 -1.68 -26.55
N THR B 245 17.21 -0.45 -26.70
CA THR B 245 15.81 -0.19 -26.41
C THR B 245 14.90 -0.98 -27.34
N ARG B 246 15.26 -1.06 -28.62
CA ARG B 246 14.49 -1.87 -29.55
C ARG B 246 14.51 -3.33 -29.15
N LEU B 247 15.68 -3.83 -28.72
CA LEU B 247 15.78 -5.24 -28.33
C LEU B 247 15.01 -5.53 -27.06
N ARG B 248 14.85 -4.54 -26.18
CA ARG B 248 14.25 -4.73 -24.87
C ARG B 248 12.73 -4.55 -24.89
N ARG B 249 12.11 -4.53 -26.07
CA ARG B 249 10.66 -4.34 -26.14
C ARG B 249 9.88 -5.44 -25.44
N PRO B 250 10.20 -6.73 -25.62
CA PRO B 250 9.34 -7.78 -25.05
C PRO B 250 9.25 -7.76 -23.54
N ILE B 251 10.20 -7.16 -22.83
CA ILE B 251 10.20 -7.23 -21.37
C ILE B 251 8.90 -6.64 -20.82
N GLY B 252 8.42 -5.55 -21.41
CA GLY B 252 7.17 -4.97 -20.95
C GLY B 252 6.01 -5.93 -21.07
N LYS B 253 5.92 -6.64 -22.20
CA LYS B 253 4.84 -7.60 -22.39
C LYS B 253 4.93 -8.73 -21.38
N MET B 254 6.14 -9.26 -21.17
CA MET B 254 6.31 -10.33 -20.19
C MET B 254 6.04 -9.85 -18.78
N THR B 255 6.42 -8.60 -18.48
CA THR B 255 6.20 -8.06 -17.13
C THR B 255 4.72 -7.98 -16.81
N ILE B 256 3.92 -7.48 -17.75
CA ILE B 256 2.48 -7.37 -17.51
C ILE B 256 1.85 -8.76 -17.42
N THR B 257 2.32 -9.70 -18.24
CA THR B 257 1.83 -11.07 -18.13
C THR B 257 2.16 -11.67 -16.78
N GLU B 258 3.38 -11.40 -16.28
CA GLU B 258 3.75 -11.89 -14.95
C GLU B 258 2.84 -11.29 -13.87
N GLN B 259 2.58 -9.99 -13.95
CA GLN B 259 1.71 -9.34 -12.98
C GLN B 259 0.30 -9.91 -13.05
N LYS B 260 -0.19 -10.17 -14.26
CA LYS B 260 -1.51 -10.76 -14.43
C LYS B 260 -1.57 -12.13 -13.77
N TYR B 261 -0.55 -12.97 -13.98
CA TYR B 261 -0.56 -14.31 -13.40
C TYR B 261 -0.46 -14.25 -11.88
N GLU B 262 0.35 -13.34 -11.35
CA GLU B 262 0.41 -13.19 -9.90
C GLU B 262 -0.94 -12.74 -9.35
N GLY B 263 -1.60 -11.81 -10.04
CA GLY B 263 -2.93 -11.40 -9.62
C GLY B 263 -3.91 -12.55 -9.62
N GLU B 264 -3.86 -13.40 -10.64
CA GLU B 264 -4.71 -14.58 -10.66
C GLU B 264 -4.41 -15.51 -9.49
N TYR B 265 -3.13 -15.70 -9.19
CA TYR B 265 -2.75 -16.55 -8.06
C TYR B 265 -3.28 -16.00 -6.75
N ARG B 266 -3.16 -14.68 -6.55
CA ARG B 266 -3.70 -14.07 -5.35
C ARG B 266 -5.22 -14.21 -5.28
N TYR B 267 -5.89 -13.97 -6.41
CA TYR B 267 -7.35 -14.02 -6.42
C TYR B 267 -7.86 -15.42 -6.12
N VAL B 268 -7.22 -16.44 -6.68
CA VAL B 268 -7.65 -17.82 -6.42
C VAL B 268 -7.50 -18.16 -4.95
N ASN B 269 -6.38 -17.75 -4.34
CA ASN B 269 -6.18 -18.02 -2.93
C ASN B 269 -7.24 -17.31 -2.09
N SER B 270 -7.57 -16.07 -2.42
CA SER B 270 -8.60 -15.35 -1.68
C SER B 270 -9.95 -16.03 -1.80
N ARG B 271 -10.28 -16.52 -3.00
CA ARG B 271 -11.52 -17.27 -3.17
C ARG B 271 -11.55 -18.50 -2.28
N LEU B 272 -10.43 -19.23 -2.23
CA LEU B 272 -10.35 -20.40 -1.36
C LEU B 272 -10.57 -20.03 0.10
N ILE B 273 -10.25 -18.79 0.47
CA ILE B 273 -10.41 -18.36 1.86
C ILE B 273 -11.86 -18.00 2.13
N THR B 274 -12.44 -17.11 1.31
CA THR B 274 -13.78 -16.60 1.59
C THR B 274 -14.85 -17.69 1.53
N ASN B 275 -14.59 -18.78 0.81
CA ASN B 275 -15.54 -19.88 0.66
C ASN B 275 -15.03 -21.14 1.34
N SER B 276 -14.36 -20.98 2.48
CA SER B 276 -13.74 -22.12 3.15
C SER B 276 -14.77 -23.02 3.83
N GLU B 277 -15.86 -22.45 4.34
CA GLU B 277 -16.85 -23.26 5.03
C GLU B 277 -17.57 -24.19 4.06
N GLU B 278 -18.02 -23.67 2.93
CA GLU B 278 -18.73 -24.49 1.96
C GLU B 278 -17.82 -25.60 1.42
N ILE B 279 -16.56 -25.26 1.14
CA ILE B 279 -15.60 -26.26 0.70
C ILE B 279 -15.39 -27.30 1.80
N ALA B 280 -15.32 -26.85 3.05
CA ALA B 280 -15.09 -27.75 4.16
C ALA B 280 -16.21 -28.77 4.29
N PHE B 281 -17.47 -28.32 4.16
CA PHE B 281 -18.59 -29.26 4.20
C PHE B 281 -18.43 -30.32 3.11
N TYR B 282 -17.89 -29.93 1.97
CA TYR B 282 -17.46 -30.88 0.95
C TYR B 282 -16.12 -31.49 1.36
N ASN B 283 -15.81 -32.63 0.76
CA ASN B 283 -14.48 -33.20 0.86
C ASN B 283 -13.65 -32.79 -0.35
N GLY B 284 -13.56 -31.47 -0.54
CA GLY B 284 -12.99 -30.90 -1.74
C GLY B 284 -11.55 -30.45 -1.60
N ASN B 285 -10.86 -30.96 -0.57
CA ASN B 285 -9.45 -30.60 -0.41
C ASN B 285 -8.63 -31.07 -1.62
N LYS B 286 -9.00 -32.20 -2.20
CA LYS B 286 -8.31 -32.76 -3.35
C LYS B 286 -8.71 -32.12 -4.67
N ARG B 287 -9.52 -31.08 -4.64
CA ARG B 287 -9.91 -30.35 -5.84
C ARG B 287 -9.38 -28.93 -5.85
N GLU B 288 -9.54 -28.19 -4.75
CA GLU B 288 -8.93 -26.86 -4.67
C GLU B 288 -7.41 -26.94 -4.73
N LYS B 289 -6.84 -28.05 -4.25
CA LYS B 289 -5.41 -28.25 -4.40
C LYS B 289 -5.02 -28.32 -5.88
N GLN B 290 -5.82 -29.02 -6.68
CA GLN B 290 -5.53 -29.11 -8.10
C GLN B 290 -5.64 -27.75 -8.78
N THR B 291 -6.66 -26.97 -8.42
CA THR B 291 -6.85 -25.66 -9.05
C THR B 291 -5.70 -24.71 -8.73
N VAL B 292 -5.31 -24.66 -7.45
CA VAL B 292 -4.22 -23.76 -7.06
C VAL B 292 -2.90 -24.22 -7.65
N HIS B 293 -2.67 -25.54 -7.68
CA HIS B 293 -1.43 -26.06 -8.26
C HIS B 293 -1.36 -25.73 -9.75
N SER B 294 -2.49 -25.83 -10.45
CA SER B 294 -2.49 -25.49 -11.87
C SER B 294 -2.17 -24.02 -12.09
N VAL B 295 -2.74 -23.13 -11.26
CA VAL B 295 -2.45 -21.71 -11.40
C VAL B 295 -0.98 -21.44 -11.10
N PHE B 296 -0.43 -22.11 -10.09
CA PHE B 296 0.98 -21.92 -9.75
C PHE B 296 1.87 -22.35 -10.91
N ARG B 297 1.56 -23.48 -11.54
CA ARG B 297 2.34 -23.92 -12.68
C ARG B 297 2.26 -22.91 -13.82
N LYS B 298 1.06 -22.36 -14.06
CA LYS B 298 0.92 -21.33 -15.09
C LYS B 298 1.86 -20.18 -14.83
N LEU B 299 1.93 -19.71 -13.58
CA LEU B 299 2.84 -18.62 -13.24
C LEU B 299 4.29 -19.06 -13.34
N VAL B 300 4.60 -20.27 -12.87
CA VAL B 300 5.99 -20.69 -12.75
C VAL B 300 6.63 -20.88 -14.13
N GLU B 301 5.89 -21.46 -15.08
CA GLU B 301 6.46 -21.64 -16.41
C GLU B 301 6.77 -20.30 -17.06
N HIS B 302 5.91 -19.31 -16.87
CA HIS B 302 6.20 -17.97 -17.39
C HIS B 302 7.46 -17.41 -16.76
N LEU B 303 7.65 -17.64 -15.46
CA LEU B 303 8.83 -17.13 -14.78
C LEU B 303 10.10 -17.74 -15.36
N HIS B 304 10.08 -19.05 -15.67
CA HIS B 304 11.20 -19.65 -16.38
C HIS B 304 11.49 -18.92 -17.68
N ASN B 305 10.45 -18.73 -18.51
CA ASN B 305 10.65 -18.07 -19.79
C ASN B 305 11.16 -16.65 -19.61
N PHE B 306 10.63 -15.94 -18.62
CA PHE B 306 11.06 -14.56 -18.38
C PHE B 306 12.50 -14.52 -17.90
N ILE B 307 12.92 -15.50 -17.10
CA ILE B 307 14.30 -15.55 -16.64
C ILE B 307 15.24 -15.85 -17.79
N LEU B 308 14.88 -16.81 -18.65
CA LEU B 308 15.75 -17.14 -19.78
C LEU B 308 15.91 -15.97 -20.73
N PHE B 309 14.81 -15.26 -21.01
CA PHE B 309 14.92 -14.09 -21.88
C PHE B 309 15.79 -13.02 -21.25
N ARG B 310 15.65 -12.79 -19.95
CA ARG B 310 16.46 -11.78 -19.29
C ARG B 310 17.94 -12.14 -19.37
N PHE B 311 18.26 -13.43 -19.24
CA PHE B 311 19.65 -13.87 -19.41
C PHE B 311 20.14 -13.56 -20.82
N SER B 312 19.35 -13.91 -21.84
CA SER B 312 19.76 -13.66 -23.21
C SER B 312 19.90 -12.18 -23.50
N MET B 313 18.96 -11.37 -23.01
CA MET B 313 19.03 -9.93 -23.26
C MET B 313 20.20 -9.31 -22.51
N GLY B 314 20.48 -9.77 -21.29
CA GLY B 314 21.59 -9.22 -20.54
C GLY B 314 22.93 -9.43 -21.22
N PHE B 315 23.14 -10.63 -21.78
CA PHE B 315 24.40 -10.92 -22.45
C PHE B 315 24.70 -9.89 -23.53
N ILE B 316 23.73 -9.61 -24.39
CA ILE B 316 23.92 -8.63 -25.45
C ILE B 316 24.11 -7.24 -24.86
N ASP B 317 23.38 -6.92 -23.79
CA ASP B 317 23.46 -5.60 -23.19
C ASP B 317 24.86 -5.34 -22.63
N SER B 318 25.43 -6.33 -21.94
CA SER B 318 26.77 -6.17 -21.38
C SER B 318 27.80 -5.97 -22.49
N ILE B 319 27.73 -6.80 -23.53
CA ILE B 319 28.69 -6.72 -24.62
C ILE B 319 28.63 -5.35 -25.28
N ILE B 320 27.42 -4.85 -25.54
CA ILE B 320 27.25 -3.67 -26.39
C ILE B 320 27.45 -2.39 -25.59
N ALA B 321 26.82 -2.30 -24.42
CA ALA B 321 26.78 -1.04 -23.67
C ALA B 321 27.83 -0.93 -22.58
N LYS B 322 28.46 -2.04 -22.18
CA LYS B 322 29.39 -2.03 -21.06
C LYS B 322 30.84 -2.13 -21.49
N TYR B 323 31.16 -2.91 -22.52
CA TYR B 323 32.53 -3.16 -22.92
C TYR B 323 32.89 -2.55 -24.26
N LEU B 324 32.00 -2.63 -25.26
CA LEU B 324 32.28 -1.92 -26.51
C LEU B 324 32.31 -0.42 -26.30
N ALA B 325 31.62 0.08 -25.26
CA ALA B 325 31.77 1.48 -24.89
C ALA B 325 33.19 1.78 -24.43
N THR B 326 33.79 0.86 -23.67
CA THR B 326 35.18 1.02 -23.25
C THR B 326 36.12 0.97 -24.43
N VAL B 327 35.89 0.06 -25.37
CA VAL B 327 36.75 -0.02 -26.55
C VAL B 327 36.66 1.26 -27.36
N VAL B 328 35.45 1.78 -27.56
CA VAL B 328 35.28 3.02 -28.32
C VAL B 328 35.93 4.17 -27.57
N GLY B 329 35.83 4.18 -26.25
CA GLY B 329 36.46 5.24 -25.49
C GLY B 329 37.98 5.21 -25.59
N TYR B 330 38.56 4.02 -25.53
CA TYR B 330 40.01 3.89 -25.72
C TYR B 330 40.42 4.38 -27.10
N LEU B 331 39.67 4.00 -28.13
CA LEU B 331 39.99 4.42 -29.49
C LEU B 331 39.88 5.92 -29.64
N VAL B 332 38.87 6.53 -29.03
CA VAL B 332 38.66 7.97 -29.16
C VAL B 332 39.80 8.74 -28.50
N VAL B 333 40.14 8.36 -27.26
CA VAL B 333 41.13 9.12 -26.50
C VAL B 333 42.53 8.93 -27.07
N SER B 334 42.82 7.78 -27.67
CA SER B 334 44.18 7.46 -28.07
C SER B 334 44.64 8.25 -29.29
N ARG B 335 43.76 8.98 -29.96
CA ARG B 335 44.14 9.62 -31.22
C ARG B 335 45.29 10.61 -31.05
N PRO B 336 45.23 11.56 -30.12
CA PRO B 336 46.37 12.49 -29.96
C PRO B 336 47.67 11.83 -29.57
N PHE B 337 47.64 10.62 -29.00
CA PHE B 337 48.85 9.98 -28.49
C PHE B 337 49.51 9.12 -29.55
N LEU B 338 48.78 8.12 -30.07
CA LEU B 338 49.38 7.21 -31.03
C LEU B 338 49.79 7.89 -32.32
N ASP B 339 49.27 9.10 -32.57
CA ASP B 339 49.67 9.88 -33.73
C ASP B 339 50.95 10.63 -33.38
N LEU B 340 52.09 9.97 -33.64
CA LEU B 340 53.37 10.51 -33.22
C LEU B 340 53.61 11.90 -33.79
N SER B 341 53.01 12.21 -34.93
CA SER B 341 53.16 13.52 -35.58
C SER B 341 51.96 14.42 -35.32
N HIS B 342 51.30 14.26 -34.18
CA HIS B 342 50.15 15.11 -33.88
C HIS B 342 50.60 16.57 -33.86
N PRO B 343 49.82 17.49 -34.43
CA PRO B 343 50.37 18.82 -34.75
C PRO B 343 51.11 19.48 -33.60
N ARG B 344 50.42 19.78 -32.50
CA ARG B 344 51.04 20.49 -31.40
C ARG B 344 50.76 19.89 -30.03
N HIS B 345 49.66 19.16 -29.83
CA HIS B 345 49.23 18.86 -28.47
C HIS B 345 50.29 18.08 -27.70
N LEU B 346 50.79 16.98 -28.26
CA LEU B 346 51.59 16.02 -27.51
C LEU B 346 52.92 15.78 -28.20
N LYS B 347 53.89 16.62 -27.85
CA LYS B 347 55.32 16.41 -28.12
C LYS B 347 56.11 16.71 -26.85
N SER B 348 55.66 16.12 -25.75
CA SER B 348 56.04 16.56 -24.41
C SER B 348 56.59 15.43 -23.54
N THR B 349 56.79 15.73 -22.26
CA THR B 349 57.39 14.80 -21.32
C THR B 349 56.45 13.64 -21.03
N HIS B 350 57.00 12.59 -20.40
CA HIS B 350 56.17 11.45 -20.02
C HIS B 350 55.09 11.84 -19.03
N SER B 351 55.42 12.68 -18.04
CA SER B 351 54.44 13.10 -17.06
C SER B 351 53.31 13.88 -17.72
N GLU B 352 53.65 14.72 -18.71
CA GLU B 352 52.61 15.44 -19.45
C GLU B 352 51.70 14.47 -20.21
N LEU B 353 52.29 13.45 -20.83
CA LEU B 353 51.49 12.45 -21.53
C LEU B 353 50.59 11.70 -20.55
N LEU B 354 51.12 11.35 -19.38
CA LEU B 354 50.33 10.67 -18.36
C LEU B 354 49.14 11.51 -17.94
N GLU B 355 49.39 12.78 -17.60
CA GLU B 355 48.32 13.64 -17.11
C GLU B 355 47.28 13.90 -18.17
N ASP B 356 47.71 14.19 -19.40
CA ASP B 356 46.77 14.49 -20.46
C ASP B 356 45.85 13.31 -20.74
N TYR B 357 46.39 12.10 -20.75
CA TYR B 357 45.56 10.93 -21.03
C TYR B 357 44.48 10.76 -19.99
N TYR B 358 44.86 10.80 -18.70
CA TYR B 358 43.91 10.45 -17.65
C TYR B 358 42.89 11.55 -17.42
N GLN B 359 43.28 12.82 -17.65
CA GLN B 359 42.31 13.90 -17.62
C GLN B 359 41.27 13.71 -18.72
N SER B 360 41.72 13.41 -19.95
CA SER B 360 40.78 13.21 -21.05
C SER B 360 39.91 11.98 -20.82
N GLY B 361 40.50 10.88 -20.34
CA GLY B 361 39.74 9.67 -20.14
C GLY B 361 38.65 9.82 -19.08
N ARG B 362 38.96 10.54 -18.00
CA ARG B 362 37.98 10.76 -16.95
C ARG B 362 36.89 11.73 -17.39
N MET B 363 37.25 12.72 -18.22
CA MET B 363 36.25 13.63 -18.75
C MET B 363 35.25 12.89 -19.64
N LEU B 364 35.74 11.98 -20.47
CA LEU B 364 34.84 11.19 -21.32
C LEU B 364 33.90 10.35 -20.47
N LEU B 365 34.42 9.71 -19.42
CA LEU B 365 33.58 8.87 -18.56
C LEU B 365 32.50 9.70 -17.90
N ARG B 366 32.85 10.88 -17.38
CA ARG B 366 31.87 11.70 -16.68
C ARG B 366 30.89 12.36 -17.64
N MET B 367 31.33 12.65 -18.86
CA MET B 367 30.39 13.12 -19.88
C MET B 367 29.33 12.06 -20.17
N SER B 368 29.77 10.81 -20.33
CA SER B 368 28.82 9.74 -20.64
C SER B 368 27.88 9.48 -19.48
N GLN B 369 28.41 9.51 -18.24
CA GLN B 369 27.53 9.36 -17.08
C GLN B 369 26.48 10.47 -17.06
N ALA B 370 26.86 11.68 -17.47
CA ALA B 370 25.91 12.77 -17.53
C ALA B 370 24.81 12.50 -18.55
N LEU B 371 25.16 11.88 -19.68
CA LEU B 371 24.15 11.50 -20.66
C LEU B 371 23.15 10.53 -20.05
N GLY B 372 23.64 9.55 -19.29
CA GLY B 372 22.73 8.63 -18.62
C GLY B 372 21.79 9.33 -17.65
N ARG B 373 22.34 10.25 -16.85
CA ARG B 373 21.54 10.92 -15.84
C ARG B 373 20.46 11.80 -16.48
N ILE B 374 20.79 12.51 -17.55
CA ILE B 374 19.79 13.35 -18.20
C ILE B 374 18.69 12.50 -18.81
N VAL B 375 19.03 11.31 -19.31
CA VAL B 375 18.01 10.40 -19.80
C VAL B 375 17.06 10.01 -18.67
N LEU B 376 17.62 9.69 -17.49
CA LEU B 376 16.78 9.33 -16.36
C LEU B 376 15.87 10.48 -15.95
N ALA B 377 16.41 11.71 -15.93
CA ALA B 377 15.59 12.86 -15.57
C ALA B 377 14.44 13.06 -16.55
N GLY B 378 14.71 12.88 -17.85
CA GLY B 378 13.64 12.96 -18.82
C GLY B 378 12.55 11.94 -18.57
N ARG B 379 12.93 10.74 -18.14
CA ARG B 379 11.94 9.71 -17.80
C ARG B 379 11.10 10.15 -16.62
N GLU B 380 11.72 10.78 -15.62
CA GLU B 380 10.97 11.25 -14.45
C GLU B 380 10.00 12.36 -14.80
N MET B 381 10.16 12.99 -15.96
CA MET B 381 9.21 14.03 -16.38
C MET B 381 7.80 13.46 -16.50
N THR B 382 7.68 12.17 -16.80
CA THR B 382 6.36 11.56 -16.93
C THR B 382 5.61 11.60 -15.59
N ARG B 383 6.31 11.26 -14.51
CA ARG B 383 5.68 11.34 -13.19
C ARG B 383 5.28 12.77 -12.87
N LEU B 384 6.13 13.74 -13.20
CA LEU B 384 5.77 15.13 -12.99
C LEU B 384 4.48 15.47 -13.70
N ALA B 385 4.32 14.96 -14.93
CA ALA B 385 3.09 15.22 -15.69
C ALA B 385 1.88 14.60 -15.01
N GLY B 386 2.03 13.41 -14.43
CA GLY B 386 0.92 12.79 -13.73
C GLY B 386 0.48 13.61 -12.53
N PHE B 387 1.45 14.07 -11.72
CA PHE B 387 1.11 14.87 -10.55
C PHE B 387 0.46 16.19 -10.96
N THR B 388 0.97 16.83 -12.01
CA THR B 388 0.38 18.08 -12.47
C THR B 388 -1.06 17.89 -12.91
N ALA B 389 -1.34 16.77 -13.60
CA ALA B 389 -2.70 16.52 -14.06
C ALA B 389 -3.65 16.41 -12.88
N ARG B 390 -3.25 15.69 -11.84
CA ARG B 390 -4.10 15.53 -10.67
C ARG B 390 -4.33 16.87 -9.99
N ILE B 391 -3.28 17.67 -9.82
CA ILE B 391 -3.43 18.96 -9.15
C ILE B 391 -4.28 19.90 -9.97
N THR B 392 -4.13 19.87 -11.29
CA THR B 392 -4.95 20.72 -12.15
C THR B 392 -6.42 20.32 -12.07
N GLU B 393 -6.71 19.02 -11.97
CA GLU B 393 -8.08 18.59 -11.76
C GLU B 393 -8.61 19.12 -10.44
N LEU B 394 -7.81 19.06 -9.38
CA LEU B 394 -8.22 19.59 -8.09
C LEU B 394 -8.53 21.08 -8.19
N MET B 395 -7.60 21.86 -8.76
CA MET B 395 -7.80 23.30 -8.83
C MET B 395 -9.06 23.64 -9.63
N GLN B 396 -9.31 22.91 -10.72
CA GLN B 396 -10.51 23.17 -11.52
C GLN B 396 -11.77 22.95 -10.69
N VAL B 397 -11.82 21.88 -9.91
CA VAL B 397 -13.02 21.57 -9.14
C VAL B 397 -13.24 22.60 -8.05
N LEU B 398 -12.18 23.04 -7.37
CA LEU B 398 -12.34 24.09 -6.38
C LEU B 398 -12.88 25.36 -7.02
N LYS B 399 -12.41 25.69 -8.22
CA LYS B 399 -12.90 26.86 -8.91
C LYS B 399 -14.37 26.70 -9.29
N ASP B 400 -14.77 25.50 -9.74
CA ASP B 400 -16.17 25.26 -10.04
C ASP B 400 -17.03 25.41 -8.79
N LEU B 401 -16.64 24.75 -7.69
CA LEU B 401 -17.45 24.78 -6.49
C LEU B 401 -17.57 26.19 -5.93
N ASN B 402 -16.46 26.91 -5.85
CA ASN B 402 -16.47 28.21 -5.18
C ASN B 402 -17.37 29.22 -5.87
N HIS B 403 -17.69 29.02 -7.16
CA HIS B 403 -18.62 29.86 -7.87
C HIS B 403 -20.01 29.22 -7.99
N GLY B 404 -20.23 28.08 -7.33
CA GLY B 404 -21.52 27.43 -7.31
C GLY B 404 -21.71 26.37 -8.38
N LYS B 405 -20.92 26.39 -9.44
CA LYS B 405 -21.07 25.42 -10.51
C LYS B 405 -20.58 24.05 -10.05
N TYR B 406 -21.38 23.01 -10.29
CA TYR B 406 -21.02 21.66 -9.93
C TYR B 406 -21.51 20.71 -11.01
N GLU B 407 -20.83 19.57 -11.14
CA GLU B 407 -21.14 18.59 -12.16
C GLU B 407 -20.98 17.19 -11.59
N ARG B 408 -21.68 16.23 -12.21
CA ARG B 408 -21.58 14.82 -11.86
C ARG B 408 -21.81 14.60 -10.37
N THR B 409 -23.02 14.91 -9.94
CA THR B 409 -23.41 14.70 -8.55
C THR B 409 -23.54 13.21 -8.28
N MET B 410 -22.58 12.66 -7.54
CA MET B 410 -22.59 11.24 -7.18
C MET B 410 -22.67 10.37 -8.43
N ILE B 424 -36.65 18.10 -16.09
CA ILE B 424 -35.97 18.45 -14.84
C ILE B 424 -35.73 19.95 -14.79
N PRO B 425 -35.99 20.59 -13.64
CA PRO B 425 -35.71 22.03 -13.53
C PRO B 425 -34.22 22.32 -13.53
N LEU B 426 -33.86 23.60 -13.38
CA LEU B 426 -32.45 23.98 -13.37
C LEU B 426 -31.77 23.37 -12.16
N ILE B 427 -30.96 22.33 -12.40
CA ILE B 427 -30.28 21.66 -11.29
C ILE B 427 -29.37 22.62 -10.52
N PRO B 428 -28.52 23.42 -11.17
CA PRO B 428 -27.61 24.30 -10.42
C PRO B 428 -28.30 25.55 -9.88
N GLY B 429 -29.29 25.34 -9.03
CA GLY B 429 -29.98 26.45 -8.37
C GLY B 429 -31.19 26.95 -9.13
N ALA B 430 -32.34 26.94 -8.47
CA ALA B 430 -33.57 27.48 -9.03
C ALA B 430 -34.32 28.19 -7.92
N GLY B 431 -35.16 29.15 -8.30
CA GLY B 431 -35.88 29.94 -7.33
C GLY B 431 -35.00 30.99 -6.69
N GLU B 432 -35.34 31.36 -5.46
CA GLU B 432 -34.61 32.40 -4.75
C GLU B 432 -34.61 32.08 -3.26
N ILE B 433 -33.65 32.67 -2.54
CA ILE B 433 -33.55 32.56 -1.10
C ILE B 433 -33.46 33.96 -0.53
N ILE B 434 -34.30 34.26 0.46
CA ILE B 434 -34.28 35.55 1.12
C ILE B 434 -33.72 35.38 2.53
N ILE B 435 -33.34 36.50 3.13
CA ILE B 435 -32.67 36.52 4.43
C ILE B 435 -33.59 37.19 5.43
N ALA B 436 -33.88 36.49 6.54
CA ALA B 436 -34.70 37.05 7.60
C ALA B 436 -34.39 36.29 8.88
N ASP B 437 -34.79 36.88 10.01
CA ASP B 437 -34.51 36.32 11.32
C ASP B 437 -35.79 35.86 11.99
N ASN B 438 -35.73 34.69 12.62
CA ASN B 438 -36.84 34.12 13.39
C ASN B 438 -38.04 33.79 12.52
N ILE B 439 -37.85 33.70 11.20
CA ILE B 439 -38.92 33.33 10.29
C ILE B 439 -38.38 32.38 9.23
N ILE B 440 -39.10 31.30 8.98
CA ILE B 440 -38.78 30.36 7.91
C ILE B 440 -40.06 30.12 7.12
N LYS B 441 -39.98 30.30 5.79
CA LYS B 441 -41.16 30.23 4.93
C LYS B 441 -40.82 29.42 3.70
N PHE B 442 -41.35 28.20 3.62
CA PHE B 442 -41.29 27.41 2.39
C PHE B 442 -42.46 27.82 1.50
N ASP B 443 -42.14 28.25 0.27
CA ASP B 443 -43.15 28.70 -0.68
C ASP B 443 -42.89 28.01 -2.02
N HIS B 444 -43.59 26.91 -2.26
CA HIS B 444 -43.50 26.17 -3.52
C HIS B 444 -42.05 25.79 -3.82
N VAL B 445 -41.41 25.16 -2.85
CA VAL B 445 -40.03 24.69 -2.99
C VAL B 445 -40.04 23.17 -3.10
N PRO B 446 -39.84 22.61 -4.30
CA PRO B 446 -39.80 21.14 -4.44
C PRO B 446 -38.45 20.55 -4.06
N LEU B 447 -38.27 20.30 -2.77
CA LEU B 447 -37.02 19.74 -2.28
C LEU B 447 -36.73 18.42 -2.99
N ALA B 448 -35.48 18.24 -3.40
CA ALA B 448 -35.11 17.09 -4.20
C ALA B 448 -33.62 16.82 -4.05
N THR B 449 -33.22 15.62 -4.44
CA THR B 449 -31.81 15.28 -4.47
C THR B 449 -31.10 16.14 -5.52
N PRO B 450 -29.85 16.54 -5.28
CA PRO B 450 -29.14 17.35 -6.29
C PRO B 450 -28.97 16.64 -7.63
N ASN B 451 -29.12 15.32 -7.66
CA ASN B 451 -29.10 14.60 -8.94
C ASN B 451 -30.25 15.01 -9.85
N GLY B 452 -31.28 15.65 -9.29
CA GLY B 452 -32.46 16.06 -10.04
C GLY B 452 -33.68 15.22 -9.76
N ASP B 453 -33.51 14.02 -9.21
CA ASP B 453 -34.65 13.18 -8.89
C ASP B 453 -35.54 13.86 -7.85
N VAL B 454 -36.76 14.21 -8.25
CA VAL B 454 -37.65 14.96 -7.36
C VAL B 454 -38.12 14.03 -6.25
N LEU B 455 -37.90 14.44 -5.00
CA LEU B 455 -38.33 13.62 -3.86
C LEU B 455 -39.84 13.70 -3.65
N ILE B 456 -40.41 14.89 -3.78
CA ILE B 456 -41.82 15.12 -3.50
C ILE B 456 -42.34 16.20 -4.44
N ARG B 457 -43.66 16.36 -4.47
CA ARG B 457 -44.31 17.40 -5.26
C ARG B 457 -44.14 18.73 -4.53
N ASP B 458 -44.86 19.75 -5.00
CA ASP B 458 -44.75 21.07 -4.40
C ASP B 458 -45.04 21.01 -2.91
N LEU B 459 -44.18 21.63 -2.12
CA LEU B 459 -44.27 21.61 -0.66
C LEU B 459 -44.34 23.03 -0.12
N ASN B 460 -45.17 23.22 0.91
CA ASN B 460 -45.33 24.53 1.54
C ASN B 460 -45.66 24.34 3.01
N PHE B 461 -44.93 25.05 3.87
CA PHE B 461 -45.28 25.15 5.28
C PHE B 461 -44.41 26.23 5.91
N GLU B 462 -44.83 26.68 7.10
CA GLU B 462 -44.14 27.75 7.80
C GLU B 462 -43.98 27.39 9.27
N VAL B 463 -42.88 27.84 9.86
CA VAL B 463 -42.64 27.75 11.30
C VAL B 463 -42.35 29.17 11.76
N ARG B 464 -43.39 29.87 12.21
CA ARG B 464 -43.31 31.32 12.34
C ARG B 464 -42.34 31.73 13.46
N SER B 465 -42.66 31.35 14.70
CA SER B 465 -41.85 31.78 15.83
C SER B 465 -42.24 30.96 17.06
N GLY B 466 -41.22 30.53 17.81
CA GLY B 466 -41.47 29.77 19.03
C GLY B 466 -42.22 28.48 18.82
N ALA B 467 -42.24 27.97 17.59
CA ALA B 467 -42.99 26.77 17.25
C ALA B 467 -42.05 25.59 17.07
N ASN B 468 -42.50 24.42 17.52
CA ASN B 468 -41.72 23.19 17.42
C ASN B 468 -42.37 22.26 16.41
N VAL B 469 -41.54 21.56 15.64
CA VAL B 469 -41.99 20.65 14.59
C VAL B 469 -41.39 19.29 14.85
N LEU B 470 -42.22 18.24 14.75
CA LEU B 470 -41.80 16.87 15.01
C LEU B 470 -41.88 16.08 13.71
N ILE B 471 -40.81 15.36 13.39
CA ILE B 471 -40.73 14.55 12.18
C ILE B 471 -41.00 13.10 12.56
N CYS B 472 -41.94 12.47 11.85
CA CYS B 472 -42.33 11.09 12.13
C CYS B 472 -42.45 10.33 10.83
N GLY B 473 -42.31 9.01 10.92
CA GLY B 473 -42.45 8.14 9.79
C GLY B 473 -41.42 7.02 9.79
N PRO B 474 -41.43 6.19 8.75
CA PRO B 474 -40.43 5.13 8.65
C PRO B 474 -39.06 5.69 8.28
N ASN B 475 -38.09 4.81 8.00
CA ASN B 475 -36.78 5.27 7.57
C ASN B 475 -36.96 6.30 6.46
N GLY B 476 -36.55 7.55 6.72
CA GLY B 476 -36.88 8.64 5.83
C GLY B 476 -36.21 8.55 4.47
N CYS B 477 -34.89 8.78 4.45
CA CYS B 477 -34.07 8.84 3.24
C CYS B 477 -34.39 10.06 2.40
N GLY B 478 -35.37 10.88 2.78
CA GLY B 478 -35.71 12.09 2.06
C GLY B 478 -35.74 13.31 2.95
N LYS B 479 -35.88 13.09 4.26
CA LYS B 479 -35.81 14.21 5.19
C LYS B 479 -34.40 14.79 5.26
N SER B 480 -33.38 13.94 5.13
CA SER B 480 -32.00 14.43 5.08
C SER B 480 -31.86 15.49 4.00
N SER B 481 -32.55 15.30 2.88
CA SER B 481 -32.52 16.31 1.82
C SER B 481 -33.11 17.63 2.32
N LEU B 482 -34.21 17.57 3.08
CA LEU B 482 -34.80 18.78 3.63
C LEU B 482 -33.85 19.48 4.58
N PHE B 483 -33.19 18.72 5.46
CA PHE B 483 -32.27 19.33 6.40
C PHE B 483 -31.06 19.92 5.70
N ARG B 484 -30.62 19.30 4.59
CA ARG B 484 -29.45 19.82 3.88
C ARG B 484 -29.78 21.09 3.12
N VAL B 485 -30.97 21.17 2.53
CA VAL B 485 -31.36 22.43 1.89
C VAL B 485 -31.58 23.50 2.94
N LEU B 486 -31.94 23.10 4.16
CA LEU B 486 -32.17 24.07 5.22
C LEU B 486 -30.89 24.86 5.53
N GLY B 487 -29.75 24.19 5.56
CA GLY B 487 -28.49 24.84 5.85
C GLY B 487 -27.66 25.11 4.61
N GLU B 488 -28.33 25.38 3.48
CA GLU B 488 -27.70 25.72 2.21
C GLU B 488 -26.80 24.62 1.68
N LEU B 489 -26.84 23.42 2.28
CA LEU B 489 -25.92 22.37 1.85
C LEU B 489 -26.23 21.87 0.44
N TRP B 490 -27.51 21.91 0.03
CA TRP B 490 -27.88 21.54 -1.32
C TRP B 490 -28.66 22.67 -1.99
N PRO B 491 -28.62 22.76 -3.32
CA PRO B 491 -29.23 23.90 -4.00
C PRO B 491 -30.74 23.90 -3.90
N LEU B 492 -31.32 25.10 -4.05
CA LEU B 492 -32.76 25.26 -4.13
C LEU B 492 -33.25 24.83 -5.51
N PHE B 493 -34.50 24.39 -5.57
CA PHE B 493 -35.10 23.88 -6.79
C PHE B 493 -36.41 24.60 -7.12
N GLY B 494 -36.40 25.93 -6.98
CA GLY B 494 -37.53 26.75 -7.34
C GLY B 494 -38.20 27.36 -6.13
N GLY B 495 -39.19 28.22 -6.42
CA GLY B 495 -39.91 28.89 -5.36
C GLY B 495 -39.05 29.94 -4.67
N ARG B 496 -39.52 30.38 -3.51
CA ARG B 496 -38.82 31.33 -2.67
C ARG B 496 -38.77 30.80 -1.25
N LEU B 497 -37.60 30.94 -0.62
CA LEU B 497 -37.36 30.37 0.70
C LEU B 497 -36.63 31.39 1.56
N THR B 498 -36.80 31.26 2.87
CA THR B 498 -36.25 32.20 3.83
C THR B 498 -35.34 31.48 4.82
N LYS B 499 -34.21 32.08 5.13
CA LYS B 499 -33.22 31.48 6.01
C LYS B 499 -32.45 32.59 6.72
N PRO B 500 -31.86 32.30 7.88
CA PRO B 500 -30.89 33.24 8.47
C PRO B 500 -29.50 33.07 7.86
N GLU B 501 -28.51 33.78 8.40
CA GLU B 501 -27.19 33.88 7.76
C GLU B 501 -26.26 32.73 8.15
N ARG B 502 -26.74 31.49 8.02
CA ARG B 502 -25.90 30.31 8.16
C ARG B 502 -25.37 30.10 9.57
N GLY B 503 -25.63 31.02 10.49
CA GLY B 503 -25.10 30.92 11.83
C GLY B 503 -26.17 30.63 12.86
N LYS B 504 -27.43 30.64 12.43
CA LYS B 504 -28.56 30.46 13.32
C LYS B 504 -29.17 29.06 13.24
N LEU B 505 -28.58 28.16 12.45
CA LEU B 505 -29.06 26.79 12.32
C LEU B 505 -28.08 25.83 12.97
N PHE B 506 -28.64 24.77 13.56
CA PHE B 506 -27.87 23.75 14.24
C PHE B 506 -28.38 22.38 13.81
N TYR B 507 -27.55 21.36 13.97
CA TYR B 507 -27.96 19.99 13.65
C TYR B 507 -27.05 19.05 14.42
N VAL B 508 -27.63 18.35 15.40
CA VAL B 508 -26.89 17.42 16.24
C VAL B 508 -27.32 15.99 15.85
N PRO B 509 -26.42 15.18 15.30
CA PRO B 509 -26.78 13.79 14.98
C PRO B 509 -26.80 12.90 16.22
N GLN B 510 -26.98 11.59 16.02
CA GLN B 510 -27.01 10.67 17.14
C GLN B 510 -25.72 10.75 17.95
N ARG B 511 -24.58 10.92 17.29
CA ARG B 511 -23.30 11.13 17.96
C ARG B 511 -22.72 12.47 17.49
N PRO B 512 -22.93 13.55 18.25
CA PRO B 512 -22.50 14.87 17.78
C PRO B 512 -21.01 14.93 17.48
N TYR B 513 -20.62 16.03 16.84
CA TYR B 513 -19.23 16.24 16.47
C TYR B 513 -18.40 16.60 17.70
N MET B 514 -17.27 15.91 17.86
CA MET B 514 -16.36 16.13 18.99
C MET B 514 -14.98 16.43 18.43
N THR B 515 -14.42 17.57 18.83
CA THR B 515 -13.12 17.99 18.33
C THR B 515 -12.01 17.48 19.23
N LEU B 516 -10.77 17.58 18.72
CA LEU B 516 -9.58 17.24 19.50
C LEU B 516 -9.08 18.50 20.18
N GLY B 517 -9.09 18.50 21.51
CA GLY B 517 -8.63 19.65 22.26
C GLY B 517 -9.27 19.68 23.64
N THR B 518 -9.20 20.86 24.25
CA THR B 518 -9.71 21.03 25.61
C THR B 518 -11.24 21.01 25.61
N LEU B 519 -11.80 20.78 26.80
CA LEU B 519 -13.25 20.80 26.93
C LEU B 519 -13.82 22.18 26.61
N ARG B 520 -13.07 23.23 26.91
CA ARG B 520 -13.51 24.57 26.52
C ARG B 520 -13.65 24.70 25.02
N ASP B 521 -12.76 24.06 24.25
CA ASP B 521 -12.92 24.01 22.81
C ASP B 521 -14.19 23.26 22.42
N GLN B 522 -14.47 22.15 23.12
CA GLN B 522 -15.65 21.35 22.78
C GLN B 522 -16.93 22.16 22.93
N VAL B 523 -17.04 22.94 24.00
CA VAL B 523 -18.25 23.73 24.24
C VAL B 523 -18.23 25.06 23.51
N ILE B 524 -17.07 25.49 23.00
CA ILE B 524 -16.95 26.76 22.31
C ILE B 524 -16.52 26.48 20.87
N TYR B 525 -16.97 25.35 20.32
CA TYR B 525 -16.43 24.80 19.08
C TYR B 525 -16.24 25.85 17.98
N PRO B 526 -17.31 26.46 17.45
CA PRO B 526 -17.14 27.34 16.29
C PRO B 526 -16.47 28.68 16.60
N ASP B 527 -16.11 28.93 17.86
CA ASP B 527 -15.55 30.22 18.26
C ASP B 527 -14.23 30.00 18.98
N GLY B 528 -13.34 30.99 18.86
CA GLY B 528 -12.10 30.98 19.60
C GLY B 528 -12.25 31.58 20.99
N ARG B 529 -11.19 31.47 21.78
CA ARG B 529 -11.22 32.05 23.11
C ARG B 529 -11.35 33.56 23.06
N GLU B 530 -10.65 34.20 22.12
CA GLU B 530 -10.79 35.64 21.94
C GLU B 530 -12.21 36.00 21.52
N ASP B 531 -12.86 35.12 20.74
CA ASP B 531 -14.26 35.35 20.40
C ASP B 531 -15.13 35.32 21.65
N GLN B 532 -14.87 34.39 22.56
CA GLN B 532 -15.62 34.35 23.81
C GLN B 532 -15.39 35.64 24.61
N LYS B 533 -14.15 36.11 24.68
CA LYS B 533 -13.87 37.36 25.37
C LYS B 533 -14.61 38.52 24.71
N ARG B 534 -14.76 38.49 23.38
CA ARG B 534 -15.54 39.52 22.71
C ARG B 534 -16.99 39.49 23.20
N LYS B 535 -17.56 38.29 23.35
CA LYS B 535 -18.91 38.16 23.88
C LYS B 535 -18.95 38.40 25.39
N GLY B 536 -17.81 38.34 26.07
CA GLY B 536 -17.76 38.54 27.50
C GLY B 536 -18.23 37.38 28.33
N ILE B 537 -18.44 36.21 27.73
CA ILE B 537 -18.93 35.04 28.47
C ILE B 537 -17.80 34.57 29.39
N SER B 538 -17.97 34.82 30.68
CA SER B 538 -16.98 34.35 31.66
C SER B 538 -17.10 32.84 31.84
N ASP B 539 -16.00 32.24 32.30
CA ASP B 539 -15.99 30.79 32.51
C ASP B 539 -17.05 30.35 33.51
N LEU B 540 -17.49 31.25 34.40
CA LEU B 540 -18.56 30.88 35.33
C LEU B 540 -19.86 30.60 34.58
N VAL B 541 -20.19 31.42 33.58
CA VAL B 541 -21.39 31.17 32.79
C VAL B 541 -21.24 29.88 32.00
N LEU B 542 -20.04 29.62 31.49
CA LEU B 542 -19.79 28.34 30.82
C LEU B 542 -20.02 27.17 31.77
N LYS B 543 -19.54 27.29 33.01
CA LYS B 543 -19.80 26.25 34.00
C LYS B 543 -21.29 26.10 34.26
N GLU B 544 -22.02 27.22 34.29
CA GLU B 544 -23.47 27.15 34.47
C GLU B 544 -24.12 26.36 33.35
N TYR B 545 -23.68 26.60 32.10
CA TYR B 545 -24.17 25.79 31.00
C TYR B 545 -23.83 24.32 31.19
N LEU B 546 -22.61 24.04 31.66
CA LEU B 546 -22.26 22.68 32.03
C LEU B 546 -23.13 22.18 33.18
N ASP B 547 -23.39 23.05 34.16
CA ASP B 547 -24.20 22.65 35.31
C ASP B 547 -25.61 22.27 34.88
N ASN B 548 -26.20 23.03 33.96
CA ASN B 548 -27.57 22.76 33.53
C ASN B 548 -27.69 21.35 32.95
N VAL B 549 -26.72 20.95 32.11
CA VAL B 549 -26.70 19.59 31.57
C VAL B 549 -26.07 18.60 32.52
N GLN B 550 -25.68 19.03 33.72
CA GLN B 550 -25.11 18.14 34.73
C GLN B 550 -23.79 17.53 34.29
N LEU B 551 -23.01 18.26 33.49
CA LEU B 551 -21.68 17.84 33.08
C LEU B 551 -20.58 18.55 33.85
N GLY B 552 -20.91 19.25 34.93
CA GLY B 552 -19.89 19.95 35.69
C GLY B 552 -18.88 19.03 36.32
N HIS B 553 -19.26 17.78 36.61
CA HIS B 553 -18.36 16.84 37.25
C HIS B 553 -17.19 16.45 36.35
N ILE B 554 -17.33 16.63 35.04
CA ILE B 554 -16.26 16.27 34.11
C ILE B 554 -15.01 17.11 34.36
N LEU B 555 -15.17 18.31 34.94
CA LEU B 555 -14.03 19.20 35.11
C LEU B 555 -12.91 18.54 35.91
N GLU B 556 -13.27 17.66 36.85
CA GLU B 556 -12.28 16.98 37.67
C GLU B 556 -11.81 15.66 37.08
N ARG B 557 -12.42 15.20 35.99
CA ARG B 557 -12.05 13.90 35.42
C ARG B 557 -10.61 13.90 34.92
N GLU B 558 -10.21 14.97 34.22
CA GLU B 558 -8.87 15.04 33.64
C GLU B 558 -8.11 16.28 34.08
N GLY B 559 -8.50 16.89 35.21
CA GLY B 559 -7.76 18.01 35.75
C GLY B 559 -8.03 19.34 35.08
N GLY B 560 -9.27 19.80 35.13
CA GLY B 560 -9.59 21.13 34.68
C GLY B 560 -9.90 21.23 33.20
N TRP B 561 -10.18 22.46 32.78
CA TRP B 561 -10.54 22.71 31.38
C TRP B 561 -9.37 22.40 30.45
N ASP B 562 -8.15 22.79 30.83
CA ASP B 562 -7.03 22.77 29.91
C ASP B 562 -6.68 21.35 29.44
N SER B 563 -7.18 20.32 30.12
CA SER B 563 -6.85 18.95 29.75
C SER B 563 -7.21 18.70 28.29
N VAL B 564 -6.27 18.12 27.54
CA VAL B 564 -6.44 17.83 26.12
C VAL B 564 -6.50 16.33 25.95
N GLN B 565 -7.57 15.85 25.31
CA GLN B 565 -7.76 14.42 25.11
C GLN B 565 -8.60 14.20 23.85
N ASP B 566 -8.55 12.97 23.35
CA ASP B 566 -9.35 12.56 22.20
C ASP B 566 -10.78 12.38 22.67
N TRP B 567 -11.55 13.47 22.65
CA TRP B 567 -12.92 13.44 23.17
C TRP B 567 -13.86 12.63 22.30
N MET B 568 -13.42 12.19 21.13
CA MET B 568 -14.30 11.41 20.26
C MET B 568 -14.74 10.12 20.94
N ASP B 569 -13.82 9.44 21.62
CA ASP B 569 -14.11 8.16 22.25
C ASP B 569 -14.03 8.19 23.78
N VAL B 570 -13.41 9.22 24.36
CA VAL B 570 -13.30 9.28 25.82
C VAL B 570 -14.69 9.34 26.46
N LEU B 571 -15.58 10.17 25.92
CA LEU B 571 -16.91 10.30 26.47
C LEU B 571 -17.84 9.21 25.95
N SER B 572 -18.77 8.81 26.80
CA SER B 572 -19.85 7.92 26.38
C SER B 572 -20.91 8.71 25.62
N GLY B 573 -21.74 7.99 24.88
CA GLY B 573 -22.78 8.60 24.08
C GLY B 573 -23.53 9.69 24.80
N GLY B 574 -24.18 9.34 25.92
CA GLY B 574 -25.01 10.30 26.62
C GLY B 574 -24.27 11.57 26.97
N GLU B 575 -23.01 11.45 27.41
CA GLU B 575 -22.21 12.63 27.70
C GLU B 575 -22.02 13.49 26.47
N LYS B 576 -21.79 12.85 25.32
CA LYS B 576 -21.57 13.61 24.08
C LYS B 576 -22.79 14.43 23.71
N GLN B 577 -23.98 13.82 23.76
CA GLN B 577 -25.19 14.58 23.42
C GLN B 577 -25.44 15.69 24.43
N ARG B 578 -25.19 15.43 25.71
CA ARG B 578 -25.42 16.46 26.72
C ARG B 578 -24.50 17.66 26.50
N MET B 579 -23.23 17.41 26.17
CA MET B 579 -22.34 18.52 25.86
C MET B 579 -22.75 19.22 24.57
N ALA B 580 -23.23 18.46 23.58
CA ALA B 580 -23.68 19.07 22.34
C ALA B 580 -24.82 20.04 22.59
N MET B 581 -25.77 19.66 23.44
CA MET B 581 -26.86 20.57 23.77
C MET B 581 -26.40 21.68 24.71
N ALA B 582 -25.36 21.43 25.51
CA ALA B 582 -24.73 22.51 26.24
C ALA B 582 -24.13 23.54 25.29
N ARG B 583 -23.51 23.06 24.20
CA ARG B 583 -23.05 23.96 23.15
C ARG B 583 -24.21 24.72 22.54
N LEU B 584 -25.33 24.03 22.29
CA LEU B 584 -26.53 24.70 21.79
C LEU B 584 -26.96 25.80 22.76
N PHE B 585 -27.00 25.48 24.05
CA PHE B 585 -27.37 26.48 25.05
C PHE B 585 -26.42 27.68 24.98
N TYR B 586 -25.11 27.43 24.94
CA TYR B 586 -24.15 28.50 24.91
C TYR B 586 -24.36 29.43 23.71
N HIS B 587 -24.77 28.87 22.57
CA HIS B 587 -24.89 29.68 21.36
C HIS B 587 -26.20 30.43 21.29
N LYS B 588 -27.29 29.85 21.78
CA LYS B 588 -28.60 30.50 21.77
C LYS B 588 -29.02 30.84 20.35
N PRO B 589 -28.98 29.90 19.41
CA PRO B 589 -29.38 30.19 18.04
C PRO B 589 -30.91 30.27 17.92
N GLN B 590 -31.38 30.45 16.69
CA GLN B 590 -32.82 30.57 16.41
C GLN B 590 -33.46 29.21 16.13
N PHE B 591 -32.80 28.37 15.35
CA PHE B 591 -33.36 27.10 14.92
C PHE B 591 -32.35 25.99 15.18
N ALA B 592 -32.85 24.80 15.47
CA ALA B 592 -32.00 23.66 15.73
C ALA B 592 -32.73 22.38 15.32
N ILE B 593 -31.95 21.35 15.04
CA ILE B 593 -32.47 20.06 14.58
C ILE B 593 -31.96 18.98 15.53
N LEU B 594 -32.89 18.18 16.05
CA LEU B 594 -32.58 17.08 16.96
C LEU B 594 -32.82 15.77 16.22
N ASP B 595 -31.78 15.28 15.55
CA ASP B 595 -31.88 14.06 14.75
C ASP B 595 -31.73 12.87 15.69
N GLU B 596 -32.82 12.60 16.42
CA GLU B 596 -32.89 11.47 17.34
C GLU B 596 -31.58 11.26 18.09
N CYS B 597 -31.10 12.29 18.78
CA CYS B 597 -29.86 12.19 19.55
C CYS B 597 -30.11 11.95 21.04
N THR B 598 -31.17 12.54 21.58
CA THR B 598 -31.47 12.41 23.00
C THR B 598 -32.08 11.03 23.30
N SER B 599 -31.29 10.00 23.02
CA SER B 599 -31.68 8.62 23.26
C SER B 599 -31.01 8.01 24.47
N ALA B 600 -29.82 8.48 24.84
CA ALA B 600 -29.09 7.98 26.00
C ALA B 600 -29.16 8.94 27.18
N VAL B 601 -30.29 9.62 27.35
CA VAL B 601 -30.50 10.54 28.46
C VAL B 601 -31.87 10.27 29.05
N SER B 602 -32.04 10.67 30.32
CA SER B 602 -33.26 10.41 31.04
C SER B 602 -34.39 11.33 30.56
N VAL B 603 -35.62 10.97 30.92
CA VAL B 603 -36.77 11.78 30.54
C VAL B 603 -36.76 13.11 31.28
N ASP B 604 -36.36 13.09 32.55
CA ASP B 604 -36.39 14.32 33.35
C ASP B 604 -35.49 15.39 32.74
N VAL B 605 -34.28 15.01 32.34
CA VAL B 605 -33.36 15.98 31.74
C VAL B 605 -33.90 16.48 30.40
N GLU B 606 -34.54 15.59 29.63
CA GLU B 606 -35.14 16.02 28.37
C GLU B 606 -36.17 17.12 28.60
N GLY B 607 -37.11 16.90 29.52
CA GLY B 607 -38.07 17.94 29.83
C GLY B 607 -37.42 19.19 30.36
N TYR B 608 -36.35 19.02 31.16
CA TYR B 608 -35.65 20.16 31.73
C TYR B 608 -35.00 21.00 30.64
N ILE B 609 -34.36 20.35 29.67
CA ILE B 609 -33.74 21.10 28.56
C ILE B 609 -34.80 21.69 27.64
N TYR B 610 -35.88 20.94 27.39
CA TYR B 610 -36.96 21.48 26.55
C TYR B 610 -37.58 22.70 27.20
N SER B 611 -37.73 22.69 28.52
CA SER B 611 -38.25 23.87 29.21
C SER B 611 -37.35 25.07 29.01
N HIS B 612 -36.03 24.88 29.10
CA HIS B 612 -35.11 25.98 28.83
C HIS B 612 -35.26 26.47 27.40
N CYS B 613 -35.37 25.56 26.44
CA CYS B 613 -35.51 25.96 25.05
C CYS B 613 -36.77 26.78 24.85
N ARG B 614 -37.88 26.36 25.46
CA ARG B 614 -39.12 27.13 25.37
C ARG B 614 -38.96 28.51 26.00
N LYS B 615 -38.42 28.56 27.22
CA LYS B 615 -38.29 29.83 27.93
C LYS B 615 -37.32 30.77 27.21
N VAL B 616 -36.20 30.23 26.72
CA VAL B 616 -35.22 31.07 26.04
C VAL B 616 -35.80 31.65 24.77
N GLY B 617 -36.59 30.87 24.04
CA GLY B 617 -37.14 31.28 22.76
C GLY B 617 -36.52 30.60 21.56
N ILE B 618 -35.74 29.54 21.76
CA ILE B 618 -35.11 28.83 20.66
C ILE B 618 -36.13 27.88 20.05
N THR B 619 -36.49 28.14 18.79
CA THR B 619 -37.32 27.20 18.04
C THR B 619 -36.54 25.90 17.83
N LEU B 620 -37.26 24.78 17.87
CA LEU B 620 -36.61 23.47 17.89
C LEU B 620 -37.35 22.50 17.00
N PHE B 621 -36.60 21.71 16.24
CA PHE B 621 -37.12 20.62 15.44
C PHE B 621 -36.69 19.31 16.07
N THR B 622 -37.64 18.37 16.22
CA THR B 622 -37.38 17.13 16.92
C THR B 622 -37.74 15.95 16.01
N VAL B 623 -37.05 14.83 16.23
CA VAL B 623 -37.30 13.62 15.44
C VAL B 623 -37.48 12.44 16.39
N SER B 624 -37.91 12.72 17.62
CA SER B 624 -37.98 11.69 18.65
C SER B 624 -39.03 10.64 18.32
N HIS B 625 -40.26 11.08 18.03
CA HIS B 625 -41.43 10.26 17.75
C HIS B 625 -42.08 9.73 19.02
N ARG B 626 -41.54 10.00 20.21
CA ARG B 626 -42.11 9.49 21.43
C ARG B 626 -43.39 10.24 21.80
N LYS B 627 -44.29 9.54 22.51
CA LYS B 627 -45.61 10.09 22.79
C LYS B 627 -45.52 11.39 23.58
N SER B 628 -44.68 11.41 24.62
CA SER B 628 -44.54 12.63 25.40
C SER B 628 -44.03 13.77 24.52
N LEU B 629 -43.15 13.46 23.58
CA LEU B 629 -42.65 14.49 22.66
C LEU B 629 -43.73 14.93 21.68
N TRP B 630 -44.66 14.04 21.33
CA TRP B 630 -45.85 14.49 20.60
C TRP B 630 -46.64 15.50 21.41
N LYS B 631 -46.78 15.25 22.72
CA LYS B 631 -47.49 16.18 23.58
C LYS B 631 -46.76 17.51 23.70
N HIS B 632 -45.44 17.50 23.56
CA HIS B 632 -44.62 18.69 23.74
C HIS B 632 -44.36 19.44 22.44
N HIS B 633 -44.96 19.02 21.33
CA HIS B 633 -44.75 19.62 20.03
C HIS B 633 -46.10 19.92 19.38
N GLU B 634 -46.19 21.08 18.73
CA GLU B 634 -47.44 21.47 18.08
C GLU B 634 -47.57 20.84 16.70
N TYR B 635 -46.66 21.17 15.80
CA TYR B 635 -46.73 20.72 14.42
C TYR B 635 -46.13 19.32 14.30
N TYR B 636 -46.31 18.72 13.13
CA TYR B 636 -45.74 17.40 12.87
C TYR B 636 -45.68 17.16 11.37
N LEU B 637 -44.68 16.40 10.95
CA LEU B 637 -44.48 16.02 9.56
C LEU B 637 -44.44 14.50 9.46
N HIS B 638 -45.19 13.95 8.51
CA HIS B 638 -45.24 12.51 8.29
C HIS B 638 -45.04 12.21 6.81
N MET B 639 -44.22 11.22 6.52
CA MET B 639 -43.92 10.79 5.16
C MET B 639 -44.15 9.30 5.03
N ASP B 640 -44.74 8.89 3.91
CA ASP B 640 -45.05 7.49 3.66
C ASP B 640 -43.97 6.75 2.89
N GLY B 641 -42.87 7.44 2.53
CA GLY B 641 -41.82 6.82 1.74
C GLY B 641 -42.07 6.80 0.25
N ARG B 642 -43.23 7.28 -0.21
CA ARG B 642 -43.54 7.37 -1.62
C ARG B 642 -43.75 8.80 -2.10
N GLY B 643 -43.72 9.76 -1.19
CA GLY B 643 -43.87 11.17 -1.55
C GLY B 643 -45.16 11.76 -1.04
N ASN B 644 -45.09 12.45 0.10
CA ASN B 644 -46.23 13.11 0.72
C ASN B 644 -45.75 13.80 1.97
N TYR B 645 -46.54 14.77 2.44
CA TYR B 645 -46.22 15.47 3.67
C TYR B 645 -47.49 16.06 4.25
N GLU B 646 -47.59 16.03 5.58
CA GLU B 646 -48.73 16.55 6.32
C GLU B 646 -48.27 17.65 7.26
N PHE B 647 -48.95 18.78 7.23
CA PHE B 647 -48.60 19.93 8.06
C PHE B 647 -49.87 20.58 8.57
N LYS B 648 -50.09 20.54 9.88
CA LYS B 648 -51.27 21.12 10.50
C LYS B 648 -50.91 21.61 11.89
N GLN B 649 -51.89 22.24 12.55
CA GLN B 649 -51.65 22.82 13.86
C GLN B 649 -51.24 21.75 14.87
N ILE B 650 -52.14 20.82 15.16
CA ILE B 650 -51.90 19.76 16.13
C ILE B 650 -52.76 18.56 15.75
N THR B 651 -52.44 17.40 16.34
CA THR B 651 -53.21 16.18 16.17
C THR B 651 -53.95 15.86 17.47
N GLU B 652 -55.24 15.57 17.36
CA GLU B 652 -56.03 15.30 18.56
C GLU B 652 -55.51 14.08 19.30
N ASP B 653 -55.36 12.96 18.61
CA ASP B 653 -54.86 11.73 19.20
C ASP B 653 -53.70 11.12 18.44
N THR B 654 -53.72 11.19 17.12
CA THR B 654 -52.66 10.61 16.29
C THR B 654 -52.92 11.00 14.84
N VAL B 655 -51.97 10.65 13.98
CA VAL B 655 -52.09 10.94 12.55
C VAL B 655 -53.34 10.28 11.99
C10 A1CAN C . 39.09 -9.23 6.33
C13 A1CAN C . 37.40 -6.66 5.42
C15 A1CAN C . 34.69 -6.57 6.39
C17 A1CAN C . 33.00 -6.69 8.35
C20 A1CAN C . 32.18 -4.31 8.67
C3P A1CAN C . 31.42 -2.47 12.44
C5P A1CAN C . 31.15 -0.48 10.84
C6P A1CAN C . 31.79 0.67 9.98
C01 A1CAN C . 43.39 -12.50 1.99
C02 A1CAN C . 43.87 -12.88 3.33
C03 A1CAN C . 45.40 -13.15 3.29
C04 A1CAN C . 43.55 -11.80 4.42
C05 A1CAN C . 42.16 -11.05 4.23
C06 A1CAN C . 40.90 -11.96 4.48
C07 A1CAN C . 39.65 -11.11 4.74
C08 A1CAN C . 38.37 -11.91 4.40
C09 A1CAN C . 39.63 -10.68 6.18
C11 A1CAN C . 37.58 -9.11 5.89
C12 A1CAN C . 36.93 -7.78 6.34
C14 A1CAN C . 35.41 -7.92 6.24
C16 A1CAN C . 33.20 -6.75 6.82
C18 A1CAN C . 32.75 -8.10 8.89
C19 A1CAN C . 31.78 -5.81 8.66
C2P A1CAN C . 31.36 -3.71 11.55
C7P A1CAN C . 32.52 0.10 8.71
C9P A1CAN C . 32.54 0.42 6.15
CAP A1CAN C . 31.88 0.96 4.86
CBP A1CAN C . 32.47 2.31 4.37
CEP A1CAN C . 32.98 3.10 5.55
CDP A1CAN C . 31.41 3.13 3.66
CCP A1CAN C . 33.65 2.04 3.42
C5B A1CAN C . 38.43 3.33 -1.11
C4B A1CAN C . 39.20 4.64 -1.36
C3B A1CAN C . 38.75 5.34 -2.68
C2B A1CAN C . 39.79 6.52 -2.64
C1B A1CAN C . 40.91 5.98 -2.25
C8A A1CAN C . 42.97 5.02 -3.10
C5A A1CAN C . 43.31 6.01 -4.99
C6A A1CAN C . 43.71 6.52 -6.24
C2A A1CAN C . 41.88 7.87 -6.27
C4A A1CAN C . 42.15 6.49 -4.43
N4P A1CAN C . 32.01 -1.37 11.64
N8P A1CAN C . 31.88 0.62 7.46
N9A A1CAN C . 41.95 5.85 -3.25
N7A A1CAN C . 43.80 5.09 -4.13
N1A A1CAN C . 42.98 7.44 -6.84
N3A A1CAN C . 41.46 7.41 -5.10
N6A A1CAN C . 44.95 6.05 -6.90
O21 A1CAN C . 32.15 -3.65 7.67
O5P A1CAN C . 29.99 -0.63 10.83
O9P A1CAN C . 33.57 -0.16 6.08
O6A A1CAN C . 33.16 1.94 2.07
O5A A1CAN C . 33.53 4.48 1.66
O4A A1CAN C . 32.64 3.11 -0.20
O3A A1CAN C . 35.12 2.90 0.45
O1A A1CAN C . 36.96 4.59 1.05
O2A A1CAN C . 35.24 5.28 -0.58
O5B A1CAN C . 37.03 3.54 -1.34
O4B A1CAN C . 40.45 4.47 -1.65
O2B A1CAN C . 39.30 7.50 -1.62
O3B A1CAN C . 37.48 5.80 -2.62
O7A A1CAN C . 37.93 6.97 -4.92
O8A A1CAN C . 36.79 8.23 -3.10
O9A A1CAN C . 35.61 6.48 -4.30
OAP A1CAN C . 30.48 1.16 5.14
P2A A1CAN C . 33.57 3.12 0.98
P1A A1CAN C . 36.08 4.12 -0.09
P3B A1CAN C . 36.95 6.90 -3.76
S1P A1CAN C . 32.71 -3.55 10.29
H2 A1CAN C . 39.70 -8.57 5.72
H1 A1CAN C . 39.19 -8.93 7.37
H5 A1CAN C . 38.35 -6.94 4.99
H4 A1CAN C . 37.52 -5.74 5.99
H3 A1CAN C . 36.70 -6.52 4.62
H6 A1CAN C . 34.70 -6.06 5.43
H69 A1CAN C . 35.21 -5.95 7.12
H7 A1CAN C . 33.87 -6.28 8.81
H73 A1CAN C . 30.40 -2.19 12.75
H8 A1CAN C . 32.03 -2.66 13.32
H9 A1CAN C . 31.00 1.35 9.66
H10 A1CAN C . 32.50 1.23 10.60
H12 A1CAN C . 43.77 -13.21 1.25
H13 A1CAN C . 43.75 -11.51 1.74
H11 A1CAN C . 42.32 -12.51 1.96
H14 A1CAN C . 43.37 -13.81 3.62
H17 A1CAN C . 45.84 -12.59 2.46
H16 A1CAN C . 45.59 -14.21 3.15
H15 A1CAN C . 45.87 -12.82 4.24
H18 A1CAN C . 44.34 -11.06 4.42
H70 A1CAN C . 43.53 -12.30 5.39
H71 A1CAN C . 42.11 -10.63 3.22
H19 A1CAN C . 42.13 -10.22 4.94
H20 A1CAN C . 41.08 -12.59 5.33
H21 A1CAN C . 40.74 -12.58 3.61
H22 A1CAN C . 39.68 -10.25 4.11
H23 A1CAN C . 38.62 -12.97 4.25
H25 A1CAN C . 37.94 -11.51 3.48
H24 A1CAN C . 37.64 -11.82 5.20
H26 A1CAN C . 40.64 -10.71 6.56
H27 A1CAN C . 39.00 -11.37 6.77
H28 A1CAN C . 37.03 -9.95 6.32
H29 A1CAN C . 37.53 -9.17 4.81
H30 A1CAN C . 37.20 -7.56 7.36
H31 A1CAN C . 35.07 -8.57 7.02
H72 A1CAN C . 35.17 -8.35 5.29
H32 A1CAN C . 32.85 -7.70 6.45
H33 A1CAN C . 32.61 -5.95 6.36
H35 A1CAN C . 31.91 -8.56 8.36
H34 A1CAN C . 32.52 -8.04 9.95
H36 A1CAN C . 33.64 -8.71 8.75
H37 A1CAN C . 31.40 -6.08 9.62
H38 A1CAN C . 31.01 -5.98 7.91
H39 A1CAN C . 31.52 -4.61 12.16
H40 A1CAN C . 30.41 -3.76 11.06
H41 A1CAN C . 33.57 0.40 8.73
H42 A1CAN C . 32.47 -1.00 8.72
H43 A1CAN C . 31.99 0.22 4.06
H44 A1CAN C . 33.15 4.13 5.23
H46 A1CAN C . 33.91 2.68 5.90
H45 A1CAN C . 32.23 3.09 6.34
H49 A1CAN C . 31.85 4.03 3.27
H48 A1CAN C . 30.63 3.41 4.39
H47 A1CAN C . 30.97 2.54 2.87
H50 A1CAN C . 34.36 2.86 3.49
H51 A1CAN C . 34.13 1.11 3.69
H52 A1CAN C . 38.58 3.08 -0.08
H53 A1CAN C . 38.80 2.53 -1.75
H54 A1CAN C . 39.12 5.29 -0.51
H55 A1CAN C . 38.93 4.72 -3.54
H56 A1CAN C . 39.82 6.97 -3.62
H57 A1CAN C . 41.28 6.56 -1.42
H58 A1CAN C . 43.10 4.38 -2.25
H59 A1CAN C . 41.28 8.62 -6.76
H74 A1CAN C . 33.01 -1.24 11.64
H60 A1CAN C . 31.00 1.11 7.52
H61 A1CAN C . 45.45 6.67 -7.54
H62 A1CAN C . 45.29 5.12 -6.73
H65 A1CAN C . 38.51 7.92 -1.90
H68 A1CAN C . 30.39 1.82 5.82
C10 A1CAN D . 24.97 18.00 -26.57
C13 A1CAN D . 24.79 15.18 -25.06
C15 A1CAN D . 22.13 14.35 -24.33
C17 A1CAN D . 19.66 13.90 -24.98
C20 A1CAN D . 19.41 11.36 -24.97
C3P A1CAN D . 17.14 9.11 -27.77
C5P A1CAN D . 18.31 7.25 -26.46
C6P A1CAN D . 19.59 6.35 -26.20
C01 A1CAN D . 30.02 22.55 -25.16
C02 A1CAN D . 29.54 22.92 -26.51
C03 A1CAN D . 30.71 23.56 -27.32
C04 A1CAN D . 28.93 21.73 -27.31
C05 A1CAN D . 28.14 20.67 -26.43
C06 A1CAN D . 26.78 21.23 -25.85
C07 A1CAN D . 25.85 20.08 -25.42
C08 A1CAN D . 24.84 20.56 -24.36
C09 A1CAN D . 25.13 19.54 -26.64
C11 A1CAN D . 24.06 17.55 -25.36
C12 A1CAN D . 23.62 16.07 -25.47
C14 A1CAN D . 22.45 15.83 -24.52
C16 A1CAN D . 20.67 14.12 -23.83
C18 A1CAN D . 18.81 15.16 -25.18
C19 A1CAN D . 18.74 12.73 -24.61
C2P A1CAN D . 17.29 10.37 -26.92
C7P A1CAN D . 20.74 7.19 -25.52
C9P A1CAN D . 22.28 7.08 -23.46
CAP A1CAN D . 22.62 6.50 -22.06
CBP A1CAN D . 23.69 5.37 -22.10
CEP A1CAN D . 23.62 4.65 -23.42
CDP A1CAN D . 23.45 4.38 -20.99
CCP A1CAN D . 25.09 6.00 -21.96
C5B A1CAN D . 31.73 6.27 -21.05
C4B A1CAN D . 32.80 5.22 -21.38
C3B A1CAN D . 33.36 4.52 -20.10
C2B A1CAN D . 34.45 3.65 -20.79
C1B A1CAN D . 34.98 4.40 -21.71
C8A A1CAN D . 36.85 5.89 -22.11
C5A A1CAN D . 38.42 5.18 -20.82
C6A A1CAN D . 39.57 4.88 -20.06
C2A A1CAN D . 38.47 3.13 -19.11
C4A A1CAN D . 37.31 4.38 -20.67
N4P A1CAN D . 18.32 8.26 -27.53
N8P A1CAN D . 21.07 6.63 -24.18
N9A A1CAN D . 36.33 4.86 -21.48
N7A A1CAN D . 38.10 6.11 -21.72
N1A A1CAN D . 39.56 3.86 -19.22
N3A A1CAN D . 37.38 3.37 -19.79
N6A A1CAN D . 40.81 5.69 -20.18
O21 A1CAN D . 20.11 10.81 -24.17
O5P A1CAN D . 17.37 7.11 -25.79
O9P A1CAN D . 22.99 7.90 -23.94
O6A A1CAN D . 25.44 6.08 -20.58
O5A A1CAN D . 26.59 3.74 -20.63
O4A A1CAN D . 26.60 5.00 -18.51
O3A A1CAN D . 28.13 5.75 -20.42
O1A A1CAN D . 29.66 4.53 -22.09
O2A A1CAN D . 29.39 3.57 -19.83
O5B A1CAN D . 30.81 5.74 -20.09
O4B A1CAN D . 33.90 5.71 -21.83
O2B A1CAN D . 33.73 2.50 -21.44
O3B A1CAN D . 32.44 3.78 -19.46
O7A A1CAN D . 34.38 2.93 -17.92
O8A A1CAN D . 32.76 1.29 -18.86
O9A A1CAN D . 32.08 2.79 -17.08
OAP A1CAN D . 21.41 5.94 -21.53
P2A A1CAN D . 26.67 5.12 -20.01
P1A A1CAN D . 29.50 4.86 -20.62
P3B A1CAN D . 32.94 2.67 -18.31
S1P A1CAN D . 19.10 10.64 -26.66
H2 A1CAN D . 25.96 17.56 -26.46
H1 A1CAN D . 24.54 17.65 -27.49
H5 A1CAN D . 25.71 15.72 -25.23
H4 A1CAN D . 24.79 14.27 -25.66
H3 A1CAN D . 24.72 14.92 -24.02
H6 A1CAN D . 22.80 13.94 -23.59
H69 A1CAN D . 22.27 13.82 -25.27
H7 A1CAN D . 20.18 13.68 -25.88
H73 A1CAN D . 16.23 8.57 -27.48
H8 A1CAN D . 17.07 9.39 -28.83
H9 A1CAN D . 19.30 5.54 -25.55
H10 A1CAN D . 19.93 5.95 -27.16
H12 A1CAN D . 30.56 23.39 -24.73
H13 A1CAN D . 30.68 21.70 -25.24
H11 A1CAN D . 29.18 22.30 -24.54
H14 A1CAN D . 28.77 23.68 -26.39
H17 A1CAN D . 31.65 23.20 -26.94
H16 A1CAN D . 30.68 24.65 -27.23
H15 A1CAN D . 30.62 23.29 -28.38
H18 A1CAN D . 29.75 21.19 -27.82
H70 A1CAN D . 28.25 22.12 -28.06
H71 A1CAN D . 28.77 20.33 -25.60
H19 A1CAN D . 27.91 19.81 -27.06
H20 A1CAN D . 26.29 21.81 -26.61
H21 A1CAN D . 26.99 21.85 -25.00
H22 A1CAN D . 26.45 19.29 -25.00
H23 A1CAN D . 24.86 21.65 -24.30
H25 A1CAN D . 25.12 20.14 -23.40
H24 A1CAN D . 23.83 20.24 -24.62
H26 A1CAN D . 25.71 19.79 -27.52
H27 A1CAN D . 24.13 20.00 -26.71
H28 A1CAN D . 23.18 18.19 -25.33
H29 A1CAN D . 24.62 17.68 -24.44
H30 A1CAN D . 23.31 15.85 -26.47
H31 A1CAN D . 21.58 16.32 -24.92
H72 A1CAN D . 22.69 16.27 -23.57
H32 A1CAN D . 20.36 14.98 -23.25
H33 A1CAN D . 20.65 13.24 -23.19
H35 A1CAN D . 18.33 15.44 -24.23
H34 A1CAN D . 18.04 14.96 -25.92
H36 A1CAN D . 19.44 15.98 -25.52
H37 A1CAN D . 17.83 12.82 -25.17
H38 A1CAN D . 18.51 12.75 -23.54
H39 A1CAN D . 16.85 11.23 -27.43
H40 A1CAN D . 16.80 10.22 -25.97
H41 A1CAN D . 21.63 7.14 -26.15
H42 A1CAN D . 20.42 8.23 -25.41
H43 A1CAN D . 22.98 7.30 -21.42
H44 A1CAN D . 24.18 3.72 -23.34
H46 A1CAN D . 24.05 5.25 -24.21
H45 A1CAN D . 22.58 4.41 -23.65
H49 A1CAN D . 24.24 3.65 -20.99
H48 A1CAN D . 22.50 3.86 -21.16
H47 A1CAN D . 23.41 4.91 -20.04
H50 A1CAN D . 25.81 5.38 -22.49
H51 A1CAN D . 25.09 7.00 -22.39
H52 A1CAN D . 31.20 6.48 -21.96
H53 A1CAN D . 32.19 7.19 -20.66
H54 A1CAN D . 32.41 4.50 -22.09
H55 A1CAN D . 33.84 5.24 -19.44
H56 A1CAN D . 35.14 3.29 -20.05
H57 A1CAN D . 34.94 3.88 -22.66
H58 A1CAN D . 36.32 6.49 -22.83
H59 A1CAN D . 38.46 2.29 -18.42
H74 A1CAN D . 19.14 8.38 -28.11
H60 A1CAN D . 20.46 5.93 -23.77
H61 A1CAN D . 41.71 5.26 -19.99
H62 A1CAN D . 40.75 6.65 -20.44
H65 A1CAN D . 33.37 1.92 -20.79
H68 A1CAN D . 21.12 5.23 -22.08
#